data_2CKX
# 
_entry.id   2CKX 
# 
_audit_conform.dict_name       mmcif_pdbx.dic 
_audit_conform.dict_version    5.391 
_audit_conform.dict_location   http://mmcif.pdb.org/dictionaries/ascii/mmcif_pdbx.dic 
# 
loop_
_database_2.database_id 
_database_2.database_code 
_database_2.pdbx_database_accession 
_database_2.pdbx_DOI 
PDB   2CKX         pdb_00002ckx 10.2210/pdb2ckx/pdb 
PDBE  EBI-28548    ?            ?                   
WWPDB D_1290028548 ?            ?                   
# 
loop_
_pdbx_audit_revision_history.ordinal 
_pdbx_audit_revision_history.data_content_type 
_pdbx_audit_revision_history.major_revision 
_pdbx_audit_revision_history.minor_revision 
_pdbx_audit_revision_history.revision_date 
1 'Structure model' 1 0 2007-05-29 
2 'Structure model' 1 1 2011-06-02 
3 'Structure model' 1 2 2011-07-13 
4 'Structure model' 1 3 2024-05-08 
# 
_pdbx_audit_revision_details.ordinal             1 
_pdbx_audit_revision_details.revision_ordinal    1 
_pdbx_audit_revision_details.data_content_type   'Structure model' 
_pdbx_audit_revision_details.provider            repository 
_pdbx_audit_revision_details.type                'Initial release' 
_pdbx_audit_revision_details.description         ? 
_pdbx_audit_revision_details.details             ? 
# 
loop_
_pdbx_audit_revision_group.ordinal 
_pdbx_audit_revision_group.revision_ordinal 
_pdbx_audit_revision_group.data_content_type 
_pdbx_audit_revision_group.group 
1 2 'Structure model' 'Version format compliance' 
2 3 'Structure model' 'Version format compliance' 
3 4 'Structure model' 'Data collection'           
4 4 'Structure model' 'Database references'       
# 
loop_
_pdbx_audit_revision_category.ordinal 
_pdbx_audit_revision_category.revision_ordinal 
_pdbx_audit_revision_category.data_content_type 
_pdbx_audit_revision_category.category 
1 4 'Structure model' chem_comp_atom 
2 4 'Structure model' chem_comp_bond 
3 4 'Structure model' database_2     
# 
loop_
_pdbx_audit_revision_item.ordinal 
_pdbx_audit_revision_item.revision_ordinal 
_pdbx_audit_revision_item.data_content_type 
_pdbx_audit_revision_item.item 
1 4 'Structure model' '_database_2.pdbx_DOI'                
2 4 'Structure model' '_database_2.pdbx_database_accession' 
# 
_pdbx_database_status.status_code                     REL 
_pdbx_database_status.entry_id                        2CKX 
_pdbx_database_status.deposit_site                    PDBE 
_pdbx_database_status.process_site                    PDBE 
_pdbx_database_status.SG_entry                        . 
_pdbx_database_status.recvd_initial_deposition_date   2006-04-24 
_pdbx_database_status.pdb_format_compatible           Y 
_pdbx_database_status.status_code_sf                  ? 
_pdbx_database_status.status_code_mr                  ? 
_pdbx_database_status.status_code_cs                  ? 
_pdbx_database_status.methods_development_category    ? 
_pdbx_database_status.status_code_nmr_data            ? 
# 
loop_
_audit_author.name 
_audit_author.pdbx_ordinal 
'Byun, J.-S.' 1 
'Cho, H.-S.'  2 
# 
_citation.id                        primary 
_citation.title                     
'Structure of the DNA-Binding Domain of Ngtrf1 Reveals Unique Features of Plant Telomere-Binding Proteins.' 
_citation.journal_abbrev            'Nucleic Acids Res.' 
_citation.journal_volume            36 
_citation.page_first                2739 
_citation.page_last                 ? 
_citation.year                      2008 
_citation.journal_id_ASTM           NARHAD 
_citation.country                   UK 
_citation.journal_id_ISSN           0305-1048 
_citation.journal_id_CSD            0389 
_citation.book_publisher            ? 
_citation.pdbx_database_id_PubMed   18367475 
_citation.pdbx_database_id_DOI      10.1093/NAR/GKN030 
# 
loop_
_citation_author.citation_id 
_citation_author.name 
_citation_author.ordinal 
_citation_author.identifier_ORCID 
primary 'Ko, S.'      1  ? 
primary 'Jun, S.'     2  ? 
primary 'Bae, H.'     3  ? 
primary 'Byun, J.-S.' 4  ? 
primary 'Han, W.'     5  ? 
primary 'Park, H.'    6  ? 
primary 'Yang, S.W.'  7  ? 
primary 'Park, S.'    8  ? 
primary 'Jeon, Y.H.'  9  ? 
primary 'Cheong, C.'  10 ? 
primary 'Kim, W.T.'   11 ? 
primary 'Lee, W.'     12 ? 
primary 'Cho, H.-S.'  13 ? 
# 
loop_
_entity.id 
_entity.type 
_entity.src_method 
_entity.pdbx_description 
_entity.formula_weight 
_entity.pdbx_number_of_molecules 
_entity.pdbx_ec 
_entity.pdbx_mutation 
_entity.pdbx_fragment 
_entity.details 
1 polymer man 'TELOMERE BINDING PROTEIN TBP1' 9594.801 1  ? ? 'TELOMERIC DNA BINDING DOMAIN, RESIDUES 578-660' ? 
2 water   nat water                           18.015   99 ? ? ?                                                ? 
# 
_entity_name_com.entity_id   1 
_entity_name_com.name        NGTRF1 
# 
_entity_poly.entity_id                      1 
_entity_poly.type                           'polypeptide(L)' 
_entity_poly.nstd_linkage                   no 
_entity_poly.nstd_monomer                   no 
_entity_poly.pdbx_seq_one_letter_code       
;RPFSVAEVEALVEAVEHLGTGRWRDVKMRAFDNADHRTYVDLKDKWKTLVHTASIAPQQRRGEPVPQDLLDRVLAAHAYW
SQQ
;
_entity_poly.pdbx_seq_one_letter_code_can   
;RPFSVAEVEALVEAVEHLGTGRWRDVKMRAFDNADHRTYVDLKDKWKTLVHTASIAPQQRRGEPVPQDLLDRVLAAHAYW
SQQ
;
_entity_poly.pdbx_strand_id                 A 
_entity_poly.pdbx_target_identifier         ? 
# 
_pdbx_entity_nonpoly.entity_id   2 
_pdbx_entity_nonpoly.name        water 
_pdbx_entity_nonpoly.comp_id     HOH 
# 
loop_
_entity_poly_seq.entity_id 
_entity_poly_seq.num 
_entity_poly_seq.mon_id 
_entity_poly_seq.hetero 
1 1  ARG n 
1 2  PRO n 
1 3  PHE n 
1 4  SER n 
1 5  VAL n 
1 6  ALA n 
1 7  GLU n 
1 8  VAL n 
1 9  GLU n 
1 10 ALA n 
1 11 LEU n 
1 12 VAL n 
1 13 GLU n 
1 14 ALA n 
1 15 VAL n 
1 16 GLU n 
1 17 HIS n 
1 18 LEU n 
1 19 GLY n 
1 20 THR n 
1 21 GLY n 
1 22 ARG n 
1 23 TRP n 
1 24 ARG n 
1 25 ASP n 
1 26 VAL n 
1 27 LYS n 
1 28 MET n 
1 29 ARG n 
1 30 ALA n 
1 31 PHE n 
1 32 ASP n 
1 33 ASN n 
1 34 ALA n 
1 35 ASP n 
1 36 HIS n 
1 37 ARG n 
1 38 THR n 
1 39 TYR n 
1 40 VAL n 
1 41 ASP n 
1 42 LEU n 
1 43 LYS n 
1 44 ASP n 
1 45 LYS n 
1 46 TRP n 
1 47 LYS n 
1 48 THR n 
1 49 LEU n 
1 50 VAL n 
1 51 HIS n 
1 52 THR n 
1 53 ALA n 
1 54 SER n 
1 55 ILE n 
1 56 ALA n 
1 57 PRO n 
1 58 GLN n 
1 59 GLN n 
1 60 ARG n 
1 61 ARG n 
1 62 GLY n 
1 63 GLU n 
1 64 PRO n 
1 65 VAL n 
1 66 PRO n 
1 67 GLN n 
1 68 ASP n 
1 69 LEU n 
1 70 LEU n 
1 71 ASP n 
1 72 ARG n 
1 73 VAL n 
1 74 LEU n 
1 75 ALA n 
1 76 ALA n 
1 77 HIS n 
1 78 ALA n 
1 79 TYR n 
1 80 TRP n 
1 81 SER n 
1 82 GLN n 
1 83 GLN n 
# 
_entity_src_gen.entity_id                          1 
_entity_src_gen.pdbx_src_id                        1 
_entity_src_gen.pdbx_alt_source_flag               sample 
_entity_src_gen.pdbx_seq_type                      ? 
_entity_src_gen.pdbx_beg_seq_num                   ? 
_entity_src_gen.pdbx_end_seq_num                   ? 
_entity_src_gen.gene_src_common_name               TOBACCO 
_entity_src_gen.gene_src_genus                     ? 
_entity_src_gen.pdbx_gene_src_gene                 ? 
_entity_src_gen.gene_src_species                   ? 
_entity_src_gen.gene_src_strain                    ? 
_entity_src_gen.gene_src_tissue                    ? 
_entity_src_gen.gene_src_tissue_fraction           ? 
_entity_src_gen.gene_src_details                   ? 
_entity_src_gen.pdbx_gene_src_fragment             ? 
_entity_src_gen.pdbx_gene_src_scientific_name      'NICOTIANA TABACUM' 
_entity_src_gen.pdbx_gene_src_ncbi_taxonomy_id     4097 
_entity_src_gen.pdbx_gene_src_variant              ? 
_entity_src_gen.pdbx_gene_src_cell_line            ? 
_entity_src_gen.pdbx_gene_src_atcc                 ? 
_entity_src_gen.pdbx_gene_src_organ                ? 
_entity_src_gen.pdbx_gene_src_organelle            ? 
_entity_src_gen.pdbx_gene_src_cell                 ? 
_entity_src_gen.pdbx_gene_src_cellular_location    ? 
_entity_src_gen.host_org_common_name               ? 
_entity_src_gen.pdbx_host_org_scientific_name      'ESCHERICHIA COLI' 
_entity_src_gen.pdbx_host_org_ncbi_taxonomy_id     469008 
_entity_src_gen.host_org_genus                     ? 
_entity_src_gen.pdbx_host_org_gene                 ? 
_entity_src_gen.pdbx_host_org_organ                ? 
_entity_src_gen.host_org_species                   ? 
_entity_src_gen.pdbx_host_org_tissue               ? 
_entity_src_gen.pdbx_host_org_tissue_fraction      ? 
_entity_src_gen.pdbx_host_org_strain               'BL21(DE3)' 
_entity_src_gen.pdbx_host_org_variant              ? 
_entity_src_gen.pdbx_host_org_cell_line            ? 
_entity_src_gen.pdbx_host_org_atcc                 ? 
_entity_src_gen.pdbx_host_org_culture_collection   ? 
_entity_src_gen.pdbx_host_org_cell                 ? 
_entity_src_gen.pdbx_host_org_organelle            ? 
_entity_src_gen.pdbx_host_org_cellular_location    ? 
_entity_src_gen.pdbx_host_org_vector_type          ? 
_entity_src_gen.pdbx_host_org_vector               ? 
_entity_src_gen.host_org_details                   ? 
_entity_src_gen.expression_system_id               ? 
_entity_src_gen.plasmid_name                       'PPROEX HT' 
_entity_src_gen.plasmid_details                    ? 
_entity_src_gen.pdbx_description                   ? 
# 
loop_
_chem_comp.id 
_chem_comp.type 
_chem_comp.mon_nstd_flag 
_chem_comp.name 
_chem_comp.pdbx_synonyms 
_chem_comp.formula 
_chem_comp.formula_weight 
ALA 'L-peptide linking' y ALANINE         ? 'C3 H7 N O2'     89.093  
ARG 'L-peptide linking' y ARGININE        ? 'C6 H15 N4 O2 1' 175.209 
ASN 'L-peptide linking' y ASPARAGINE      ? 'C4 H8 N2 O3'    132.118 
ASP 'L-peptide linking' y 'ASPARTIC ACID' ? 'C4 H7 N O4'     133.103 
GLN 'L-peptide linking' y GLUTAMINE       ? 'C5 H10 N2 O3'   146.144 
GLU 'L-peptide linking' y 'GLUTAMIC ACID' ? 'C5 H9 N O4'     147.129 
GLY 'peptide linking'   y GLYCINE         ? 'C2 H5 N O2'     75.067  
HIS 'L-peptide linking' y HISTIDINE       ? 'C6 H10 N3 O2 1' 156.162 
HOH non-polymer         . WATER           ? 'H2 O'           18.015  
ILE 'L-peptide linking' y ISOLEUCINE      ? 'C6 H13 N O2'    131.173 
LEU 'L-peptide linking' y LEUCINE         ? 'C6 H13 N O2'    131.173 
LYS 'L-peptide linking' y LYSINE          ? 'C6 H15 N2 O2 1' 147.195 
MET 'L-peptide linking' y METHIONINE      ? 'C5 H11 N O2 S'  149.211 
PHE 'L-peptide linking' y PHENYLALANINE   ? 'C9 H11 N O2'    165.189 
PRO 'L-peptide linking' y PROLINE         ? 'C5 H9 N O2'     115.130 
SER 'L-peptide linking' y SERINE          ? 'C3 H7 N O3'     105.093 
THR 'L-peptide linking' y THREONINE       ? 'C4 H9 N O3'     119.119 
TRP 'L-peptide linking' y TRYPTOPHAN      ? 'C11 H12 N2 O2'  204.225 
TYR 'L-peptide linking' y TYROSINE        ? 'C9 H11 N O3'    181.189 
VAL 'L-peptide linking' y VALINE          ? 'C5 H11 N O2'    117.146 
# 
loop_
_pdbx_poly_seq_scheme.asym_id 
_pdbx_poly_seq_scheme.entity_id 
_pdbx_poly_seq_scheme.seq_id 
_pdbx_poly_seq_scheme.mon_id 
_pdbx_poly_seq_scheme.ndb_seq_num 
_pdbx_poly_seq_scheme.pdb_seq_num 
_pdbx_poly_seq_scheme.auth_seq_num 
_pdbx_poly_seq_scheme.pdb_mon_id 
_pdbx_poly_seq_scheme.auth_mon_id 
_pdbx_poly_seq_scheme.pdb_strand_id 
_pdbx_poly_seq_scheme.pdb_ins_code 
_pdbx_poly_seq_scheme.hetero 
A 1 1  ARG 1  578 578 ARG ARG A . n 
A 1 2  PRO 2  579 579 PRO PRO A . n 
A 1 3  PHE 3  580 580 PHE PHE A . n 
A 1 4  SER 4  581 581 SER SER A . n 
A 1 5  VAL 5  582 582 VAL VAL A . n 
A 1 6  ALA 6  583 583 ALA ALA A . n 
A 1 7  GLU 7  584 584 GLU GLU A . n 
A 1 8  VAL 8  585 585 VAL VAL A . n 
A 1 9  GLU 9  586 586 GLU GLU A . n 
A 1 10 ALA 10 587 587 ALA ALA A . n 
A 1 11 LEU 11 588 588 LEU LEU A . n 
A 1 12 VAL 12 589 589 VAL VAL A . n 
A 1 13 GLU 13 590 590 GLU GLU A . n 
A 1 14 ALA 14 591 591 ALA ALA A . n 
A 1 15 VAL 15 592 592 VAL VAL A . n 
A 1 16 GLU 16 593 593 GLU GLU A . n 
A 1 17 HIS 17 594 594 HIS HIS A . n 
A 1 18 LEU 18 595 595 LEU LEU A . n 
A 1 19 GLY 19 596 596 GLY GLY A . n 
A 1 20 THR 20 597 597 THR THR A . n 
A 1 21 GLY 21 598 598 GLY GLY A . n 
A 1 22 ARG 22 599 599 ARG ARG A . n 
A 1 23 TRP 23 600 600 TRP TRP A . n 
A 1 24 ARG 24 601 601 ARG ARG A . n 
A 1 25 ASP 25 602 602 ASP ASP A . n 
A 1 26 VAL 26 603 603 VAL VAL A . n 
A 1 27 LYS 27 604 604 LYS LYS A . n 
A 1 28 MET 28 605 605 MET MET A . n 
A 1 29 ARG 29 606 606 ARG ARG A . n 
A 1 30 ALA 30 607 607 ALA ALA A . n 
A 1 31 PHE 31 608 608 PHE PHE A . n 
A 1 32 ASP 32 609 609 ASP ASP A . n 
A 1 33 ASN 33 610 610 ASN ASN A . n 
A 1 34 ALA 34 611 611 ALA ALA A . n 
A 1 35 ASP 35 612 612 ASP ASP A . n 
A 1 36 HIS 36 613 613 HIS HIS A . n 
A 1 37 ARG 37 614 614 ARG ARG A . n 
A 1 38 THR 38 615 615 THR THR A . n 
A 1 39 TYR 39 616 616 TYR TYR A . n 
A 1 40 VAL 40 617 617 VAL VAL A . n 
A 1 41 ASP 41 618 618 ASP ASP A . n 
A 1 42 LEU 42 619 619 LEU LEU A . n 
A 1 43 LYS 43 620 620 LYS LYS A . n 
A 1 44 ASP 44 621 621 ASP ASP A . n 
A 1 45 LYS 45 622 622 LYS LYS A . n 
A 1 46 TRP 46 623 623 TRP TRP A . n 
A 1 47 LYS 47 624 624 LYS LYS A . n 
A 1 48 THR 48 625 625 THR THR A . n 
A 1 49 LEU 49 626 626 LEU LEU A . n 
A 1 50 VAL 50 627 627 VAL VAL A . n 
A 1 51 HIS 51 628 628 HIS HIS A . n 
A 1 52 THR 52 629 629 THR THR A . n 
A 1 53 ALA 53 630 630 ALA ALA A . n 
A 1 54 SER 54 631 631 SER SER A . n 
A 1 55 ILE 55 632 632 ILE ILE A . n 
A 1 56 ALA 56 633 633 ALA ALA A . n 
A 1 57 PRO 57 634 634 PRO PRO A . n 
A 1 58 GLN 58 635 635 GLN GLN A . n 
A 1 59 GLN 59 636 636 GLN GLN A . n 
A 1 60 ARG 60 637 637 ARG ARG A . n 
A 1 61 ARG 61 638 638 ARG ARG A . n 
A 1 62 GLY 62 639 639 GLY GLY A . n 
A 1 63 GLU 63 640 640 GLU GLU A . n 
A 1 64 PRO 64 641 641 PRO PRO A . n 
A 1 65 VAL 65 642 642 VAL VAL A . n 
A 1 66 PRO 66 643 643 PRO PRO A . n 
A 1 67 GLN 67 644 644 GLN GLN A . n 
A 1 68 ASP 68 645 645 ASP ASP A . n 
A 1 69 LEU 69 646 646 LEU LEU A . n 
A 1 70 LEU 70 647 647 LEU LEU A . n 
A 1 71 ASP 71 648 648 ASP ASP A . n 
A 1 72 ARG 72 649 649 ARG ARG A . n 
A 1 73 VAL 73 650 650 VAL VAL A . n 
A 1 74 LEU 74 651 651 LEU LEU A . n 
A 1 75 ALA 75 652 652 ALA ALA A . n 
A 1 76 ALA 76 653 653 ALA ALA A . n 
A 1 77 HIS 77 654 654 HIS HIS A . n 
A 1 78 ALA 78 655 655 ALA ALA A . n 
A 1 79 TYR 79 656 656 TYR TYR A . n 
A 1 80 TRP 80 657 657 TRP TRP A . n 
A 1 81 SER 81 658 658 SER SER A . n 
A 1 82 GLN 82 659 659 GLN GLN A . n 
A 1 83 GLN 83 660 660 GLN GLN A . n 
# 
loop_
_pdbx_nonpoly_scheme.asym_id 
_pdbx_nonpoly_scheme.entity_id 
_pdbx_nonpoly_scheme.mon_id 
_pdbx_nonpoly_scheme.ndb_seq_num 
_pdbx_nonpoly_scheme.pdb_seq_num 
_pdbx_nonpoly_scheme.auth_seq_num 
_pdbx_nonpoly_scheme.pdb_mon_id 
_pdbx_nonpoly_scheme.auth_mon_id 
_pdbx_nonpoly_scheme.pdb_strand_id 
_pdbx_nonpoly_scheme.pdb_ins_code 
B 2 HOH 1  2001 2001 HOH HOH A . 
B 2 HOH 2  2002 2002 HOH HOH A . 
B 2 HOH 3  2003 2003 HOH HOH A . 
B 2 HOH 4  2004 2004 HOH HOH A . 
B 2 HOH 5  2005 2005 HOH HOH A . 
B 2 HOH 6  2006 2006 HOH HOH A . 
B 2 HOH 7  2007 2007 HOH HOH A . 
B 2 HOH 8  2008 2008 HOH HOH A . 
B 2 HOH 9  2009 2009 HOH HOH A . 
B 2 HOH 10 2010 2010 HOH HOH A . 
B 2 HOH 11 2011 2011 HOH HOH A . 
B 2 HOH 12 2012 2012 HOH HOH A . 
B 2 HOH 13 2013 2013 HOH HOH A . 
B 2 HOH 14 2014 2014 HOH HOH A . 
B 2 HOH 15 2015 2015 HOH HOH A . 
B 2 HOH 16 2016 2016 HOH HOH A . 
B 2 HOH 17 2017 2017 HOH HOH A . 
B 2 HOH 18 2018 2018 HOH HOH A . 
B 2 HOH 19 2019 2019 HOH HOH A . 
B 2 HOH 20 2020 2020 HOH HOH A . 
B 2 HOH 21 2021 2021 HOH HOH A . 
B 2 HOH 22 2022 2022 HOH HOH A . 
B 2 HOH 23 2023 2023 HOH HOH A . 
B 2 HOH 24 2024 2024 HOH HOH A . 
B 2 HOH 25 2025 2025 HOH HOH A . 
B 2 HOH 26 2026 2026 HOH HOH A . 
B 2 HOH 27 2027 2027 HOH HOH A . 
B 2 HOH 28 2028 2028 HOH HOH A . 
B 2 HOH 29 2029 2029 HOH HOH A . 
B 2 HOH 30 2030 2030 HOH HOH A . 
B 2 HOH 31 2031 2031 HOH HOH A . 
B 2 HOH 32 2032 2032 HOH HOH A . 
B 2 HOH 33 2033 2033 HOH HOH A . 
B 2 HOH 34 2034 2034 HOH HOH A . 
B 2 HOH 35 2035 2035 HOH HOH A . 
B 2 HOH 36 2036 2036 HOH HOH A . 
B 2 HOH 37 2037 2037 HOH HOH A . 
B 2 HOH 38 2038 2038 HOH HOH A . 
B 2 HOH 39 2039 2039 HOH HOH A . 
B 2 HOH 40 2040 2040 HOH HOH A . 
B 2 HOH 41 2041 2041 HOH HOH A . 
B 2 HOH 42 2042 2042 HOH HOH A . 
B 2 HOH 43 2043 2043 HOH HOH A . 
B 2 HOH 44 2044 2044 HOH HOH A . 
B 2 HOH 45 2045 2045 HOH HOH A . 
B 2 HOH 46 2046 2046 HOH HOH A . 
B 2 HOH 47 2047 2047 HOH HOH A . 
B 2 HOH 48 2048 2048 HOH HOH A . 
B 2 HOH 49 2049 2049 HOH HOH A . 
B 2 HOH 50 2050 2050 HOH HOH A . 
B 2 HOH 51 2051 2051 HOH HOH A . 
B 2 HOH 52 2052 2052 HOH HOH A . 
B 2 HOH 53 2053 2053 HOH HOH A . 
B 2 HOH 54 2054 2054 HOH HOH A . 
B 2 HOH 55 2055 2055 HOH HOH A . 
B 2 HOH 56 2056 2056 HOH HOH A . 
B 2 HOH 57 2057 2057 HOH HOH A . 
B 2 HOH 58 2058 2058 HOH HOH A . 
B 2 HOH 59 2059 2059 HOH HOH A . 
B 2 HOH 60 2060 2060 HOH HOH A . 
B 2 HOH 61 2061 2061 HOH HOH A . 
B 2 HOH 62 2062 2062 HOH HOH A . 
B 2 HOH 63 2063 2063 HOH HOH A . 
B 2 HOH 64 2064 2064 HOH HOH A . 
B 2 HOH 65 2065 2065 HOH HOH A . 
B 2 HOH 66 2066 2066 HOH HOH A . 
B 2 HOH 67 2067 2067 HOH HOH A . 
B 2 HOH 68 2068 2068 HOH HOH A . 
B 2 HOH 69 2069 2069 HOH HOH A . 
B 2 HOH 70 2070 2070 HOH HOH A . 
B 2 HOH 71 2071 2071 HOH HOH A . 
B 2 HOH 72 2072 2072 HOH HOH A . 
B 2 HOH 73 2073 2073 HOH HOH A . 
B 2 HOH 74 2074 2074 HOH HOH A . 
B 2 HOH 75 2075 2075 HOH HOH A . 
B 2 HOH 76 2076 2076 HOH HOH A . 
B 2 HOH 77 2077 2077 HOH HOH A . 
B 2 HOH 78 2078 2078 HOH HOH A . 
B 2 HOH 79 2079 2079 HOH HOH A . 
B 2 HOH 80 2080 2080 HOH HOH A . 
B 2 HOH 81 2081 2081 HOH HOH A . 
B 2 HOH 82 2082 2082 HOH HOH A . 
B 2 HOH 83 2083 2083 HOH HOH A . 
B 2 HOH 84 2084 2084 HOH HOH A . 
B 2 HOH 85 2085 2085 HOH HOH A . 
B 2 HOH 86 2086 2086 HOH HOH A . 
B 2 HOH 87 2087 2087 HOH HOH A . 
B 2 HOH 88 2088 2088 HOH HOH A . 
B 2 HOH 89 2089 2089 HOH HOH A . 
B 2 HOH 90 2090 2090 HOH HOH A . 
B 2 HOH 91 2091 2091 HOH HOH A . 
B 2 HOH 92 2092 2092 HOH HOH A . 
B 2 HOH 93 2093 2093 HOH HOH A . 
B 2 HOH 94 2094 2094 HOH HOH A . 
B 2 HOH 95 2095 2095 HOH HOH A . 
B 2 HOH 96 2096 2096 HOH HOH A . 
B 2 HOH 97 2097 2097 HOH HOH A . 
B 2 HOH 98 2098 2098 HOH HOH A . 
B 2 HOH 99 2099 2099 HOH HOH A . 
# 
loop_
_software.name 
_software.classification 
_software.version 
_software.citation_id 
_software.pdbx_ordinal 
CNS       refinement       1.1 ? 1 
DENZO     'data reduction' .   ? 2 
SCALEPACK 'data scaling'   .   ? 3 
SHELX     phasing          .   ? 4 
# 
_cell.entry_id           2CKX 
_cell.length_a           40.122 
_cell.length_b           48.265 
_cell.length_c           52.006 
_cell.angle_alpha        90.00 
_cell.angle_beta         90.00 
_cell.angle_gamma        90.00 
_cell.Z_PDB              4 
_cell.pdbx_unique_axis   ? 
# 
_symmetry.entry_id                         2CKX 
_symmetry.space_group_name_H-M             'P 21 21 21' 
_symmetry.pdbx_full_space_group_name_H-M   ? 
_symmetry.cell_setting                     ? 
_symmetry.Int_Tables_number                19 
# 
_exptl.entry_id          2CKX 
_exptl.method            'X-RAY DIFFRACTION' 
_exptl.crystals_number   3 
# 
_exptl_crystal.id                    1 
_exptl_crystal.density_meas          ? 
_exptl_crystal.density_Matthews      2.1 
_exptl_crystal.density_percent_sol   40.8 
_exptl_crystal.description           NONE 
# 
_exptl_crystal_grow.crystal_id      1 
_exptl_crystal_grow.method          ? 
_exptl_crystal_grow.temp            ? 
_exptl_crystal_grow.temp_details    ? 
_exptl_crystal_grow.pH              8.5 
_exptl_crystal_grow.pdbx_pH_range   ? 
_exptl_crystal_grow.pdbx_details    '0.1M TRIS PH 8.5, 25%(W/V) PEG3350' 
# 
_diffrn.id                     1 
_diffrn.ambient_temp           290 
_diffrn.ambient_temp_details   ? 
_diffrn.crystal_id             1 
# 
_diffrn_detector.diffrn_id              1 
_diffrn_detector.detector               CCD 
_diffrn_detector.type                   'ADSC CCD' 
_diffrn_detector.pdbx_collection_date   2006-01-26 
_diffrn_detector.details                MIRRORS 
# 
_diffrn_radiation.diffrn_id                        1 
_diffrn_radiation.wavelength_id                    1 
_diffrn_radiation.pdbx_monochromatic_or_laue_m_l   M 
_diffrn_radiation.monochromator                    'SI FILTER' 
_diffrn_radiation.pdbx_diffrn_protocol             MAD 
_diffrn_radiation.pdbx_scattering_type             x-ray 
# 
_diffrn_radiation_wavelength.id           1 
_diffrn_radiation_wavelength.wavelength   1.8 
_diffrn_radiation_wavelength.wt           1.0 
# 
_diffrn_source.diffrn_id                   1 
_diffrn_source.source                      SYNCHROTRON 
_diffrn_source.type                        'PHOTON FACTORY BEAMLINE BL-5A' 
_diffrn_source.pdbx_synchrotron_site       'Photon Factory' 
_diffrn_source.pdbx_synchrotron_beamline   BL-5A 
_diffrn_source.pdbx_wavelength             1.8 
_diffrn_source.pdbx_wavelength_list        ? 
# 
_reflns.pdbx_diffrn_id               1 
_reflns.pdbx_ordinal                 1 
_reflns.entry_id                     2CKX 
_reflns.observed_criterion_sigma_I   0.0 
_reflns.observed_criterion_sigma_F   ? 
_reflns.d_resolution_low             20.00 
_reflns.d_resolution_high            1.80 
_reflns.number_obs                   9807 
_reflns.number_all                   ? 
_reflns.percent_possible_obs         98.2 
_reflns.pdbx_Rmerge_I_obs            0.04 
_reflns.pdbx_Rsym_value              ? 
_reflns.pdbx_netI_over_sigmaI        ? 
_reflns.B_iso_Wilson_estimate        ? 
_reflns.pdbx_redundancy              2.1 
# 
_reflns_shell.pdbx_diffrn_id         1 
_reflns_shell.pdbx_ordinal           1 
_reflns_shell.d_res_high             1.90 
_reflns_shell.d_res_low              1.97 
_reflns_shell.percent_possible_all   96.9 
_reflns_shell.Rmerge_I_obs           0.06 
_reflns_shell.pdbx_Rsym_value        ? 
_reflns_shell.meanI_over_sigI_obs    ? 
_reflns_shell.pdbx_redundancy        3.1 
# 
_refine.pdbx_refine_id                           'X-RAY DIFFRACTION' 
_refine.entry_id                                 2CKX 
_refine.pdbx_diffrn_id                           1 
_refine.pdbx_TLS_residual_ADP_flag               ? 
_refine.ls_number_reflns_obs                     8186 
_refine.ls_number_reflns_all                     ? 
_refine.pdbx_ls_sigma_I                          ? 
_refine.pdbx_ls_sigma_F                          0.0 
_refine.pdbx_data_cutoff_high_absF               10000 
_refine.pdbx_data_cutoff_low_absF                ? 
_refine.pdbx_data_cutoff_high_rms_absF           ? 
_refine.ls_d_res_low                             20.0 
_refine.ls_d_res_high                            1.9 
_refine.ls_percent_reflns_obs                    83.5 
_refine.ls_R_factor_obs                          0.2101 
_refine.ls_R_factor_all                          ? 
_refine.ls_R_factor_R_work                       0.2101 
_refine.ls_R_factor_R_free                       0.2327 
_refine.ls_R_factor_R_free_error                 0.016 
_refine.ls_R_factor_R_free_error_details         ? 
_refine.ls_percent_reflns_R_free                 4.5 
_refine.ls_number_reflns_R_free                  443 
_refine.ls_number_parameters                     ? 
_refine.ls_number_restraints                     ? 
_refine.occupancy_min                            ? 
_refine.occupancy_max                            ? 
_refine.correlation_coeff_Fo_to_Fc               ? 
_refine.correlation_coeff_Fo_to_Fc_free          ? 
_refine.B_iso_mean                               ? 
_refine.aniso_B[1][1]                            0.839 
_refine.aniso_B[2][2]                            -0.690 
_refine.aniso_B[3][3]                            -0.149 
_refine.aniso_B[1][2]                            0.000 
_refine.aniso_B[1][3]                            0.000 
_refine.aniso_B[2][3]                            0.000 
_refine.solvent_model_details                    ? 
_refine.solvent_model_param_ksol                 0.43026 
_refine.solvent_model_param_bsol                 28.4199 
_refine.pdbx_solvent_vdw_probe_radii             ? 
_refine.pdbx_solvent_ion_probe_radii             ? 
_refine.pdbx_solvent_shrinkage_radii             ? 
_refine.pdbx_ls_cross_valid_method               THROUGHOUT 
_refine.details                                  ? 
_refine.pdbx_starting_model                      ? 
_refine.pdbx_method_to_determine_struct          MAD 
_refine.pdbx_isotropic_thermal_model             ? 
_refine.pdbx_stereochemistry_target_values       ? 
_refine.pdbx_stereochem_target_val_spec_case     ? 
_refine.pdbx_R_Free_selection_details            RANDOM 
_refine.pdbx_overall_ESU_R                       ? 
_refine.pdbx_overall_ESU_R_Free                  ? 
_refine.overall_SU_ML                            ? 
_refine.pdbx_overall_phase_error                 ? 
_refine.overall_SU_B                             ? 
_refine.overall_SU_R_Cruickshank_DPI             ? 
_refine.pdbx_overall_SU_R_free_Cruickshank_DPI   ? 
_refine.pdbx_overall_SU_R_Blow_DPI               ? 
_refine.pdbx_overall_SU_R_free_Blow_DPI          ? 
# 
_refine_hist.pdbx_refine_id                   'X-RAY DIFFRACTION' 
_refine_hist.cycle_id                         LAST 
_refine_hist.pdbx_number_atoms_protein        678 
_refine_hist.pdbx_number_atoms_nucleic_acid   0 
_refine_hist.pdbx_number_atoms_ligand         0 
_refine_hist.number_atoms_solvent             99 
_refine_hist.number_atoms_total               777 
_refine_hist.d_res_high                       1.9 
_refine_hist.d_res_low                        20.0 
# 
loop_
_refine_ls_restr.type 
_refine_ls_restr.dev_ideal 
_refine_ls_restr.dev_ideal_target 
_refine_ls_restr.weight 
_refine_ls_restr.number 
_refine_ls_restr.pdbx_refine_id 
_refine_ls_restr.pdbx_restraint_function 
c_bond_d                0.006924 ? ? ? 'X-RAY DIFFRACTION' ? 
c_bond_d_na             ?        ? ? ? 'X-RAY DIFFRACTION' ? 
c_bond_d_prot           ?        ? ? ? 'X-RAY DIFFRACTION' ? 
c_angle_d               ?        ? ? ? 'X-RAY DIFFRACTION' ? 
c_angle_d_na            ?        ? ? ? 'X-RAY DIFFRACTION' ? 
c_angle_d_prot          ?        ? ? ? 'X-RAY DIFFRACTION' ? 
c_angle_deg             1.21776  ? ? ? 'X-RAY DIFFRACTION' ? 
c_angle_deg_na          ?        ? ? ? 'X-RAY DIFFRACTION' ? 
c_angle_deg_prot        ?        ? ? ? 'X-RAY DIFFRACTION' ? 
c_dihedral_angle_d      ?        ? ? ? 'X-RAY DIFFRACTION' ? 
c_dihedral_angle_d_na   ?        ? ? ? 'X-RAY DIFFRACTION' ? 
c_dihedral_angle_d_prot ?        ? ? ? 'X-RAY DIFFRACTION' ? 
c_improper_angle_d      ?        ? ? ? 'X-RAY DIFFRACTION' ? 
c_improper_angle_d_na   ?        ? ? ? 'X-RAY DIFFRACTION' ? 
c_improper_angle_d_prot ?        ? ? ? 'X-RAY DIFFRACTION' ? 
c_mcbond_it             ?        ? ? ? 'X-RAY DIFFRACTION' ? 
c_mcangle_it            ?        ? ? ? 'X-RAY DIFFRACTION' ? 
c_scbond_it             ?        ? ? ? 'X-RAY DIFFRACTION' ? 
c_scangle_it            ?        ? ? ? 'X-RAY DIFFRACTION' ? 
# 
loop_
_pdbx_xplor_file.pdbx_refine_id 
_pdbx_xplor_file.serial_no 
_pdbx_xplor_file.param_file 
_pdbx_xplor_file.topol_file 
'X-RAY DIFFRACTION' 1 PROTEIN_REP.PARAM ? 
'X-RAY DIFFRACTION' 2 WATER_REP.PARAM   ? 
# 
_struct.entry_id                  2CKX 
_struct.title                     
'Crystal structure of NgTRF1, double-stranded telomeric repeat binding factor from Nicotiana tabacum.' 
_struct.pdbx_model_details        ? 
_struct.pdbx_CASP_flag            ? 
_struct.pdbx_model_type_details   ? 
# 
_struct_keywords.entry_id        2CKX 
_struct_keywords.pdbx_keywords   'NUCLEAR PROTEIN' 
_struct_keywords.text            'NUCLEAR PROTEIN' 
# 
loop_
_struct_asym.id 
_struct_asym.pdbx_blank_PDB_chainid_flag 
_struct_asym.pdbx_modified 
_struct_asym.entity_id 
_struct_asym.details 
A N N 1 ? 
B N N 2 ? 
# 
_struct_ref.id                         1 
_struct_ref.db_name                    UNP 
_struct_ref.db_code                    Q84ZU4_NICGU 
_struct_ref.entity_id                  1 
_struct_ref.pdbx_seq_one_letter_code   ? 
_struct_ref.pdbx_align_begin           ? 
_struct_ref.pdbx_db_accession          Q84ZU4 
_struct_ref.pdbx_db_isoform            ? 
# 
_struct_ref_seq.align_id                      1 
_struct_ref_seq.ref_id                        1 
_struct_ref_seq.pdbx_PDB_id_code              2CKX 
_struct_ref_seq.pdbx_strand_id                A 
_struct_ref_seq.seq_align_beg                 1 
_struct_ref_seq.pdbx_seq_align_beg_ins_code   ? 
_struct_ref_seq.seq_align_end                 83 
_struct_ref_seq.pdbx_seq_align_end_ins_code   ? 
_struct_ref_seq.pdbx_db_accession             Q84ZU4 
_struct_ref_seq.db_align_beg                  578 
_struct_ref_seq.pdbx_db_align_beg_ins_code    ? 
_struct_ref_seq.db_align_end                  660 
_struct_ref_seq.pdbx_db_align_end_ins_code    ? 
_struct_ref_seq.pdbx_auth_seq_align_beg       578 
_struct_ref_seq.pdbx_auth_seq_align_end       660 
# 
_pdbx_struct_assembly.id                   1 
_pdbx_struct_assembly.details              author_and_software_defined_assembly 
_pdbx_struct_assembly.method_details       PQS 
_pdbx_struct_assembly.oligomeric_details   monomeric 
_pdbx_struct_assembly.oligomeric_count     1 
# 
_pdbx_struct_assembly_gen.assembly_id       1 
_pdbx_struct_assembly_gen.oper_expression   1 
_pdbx_struct_assembly_gen.asym_id_list      A,B 
# 
_pdbx_struct_oper_list.id                   1 
_pdbx_struct_oper_list.type                 'identity operation' 
_pdbx_struct_oper_list.name                 1_555 
_pdbx_struct_oper_list.symmetry_operation   x,y,z 
_pdbx_struct_oper_list.matrix[1][1]         1.0000000000 
_pdbx_struct_oper_list.matrix[1][2]         0.0000000000 
_pdbx_struct_oper_list.matrix[1][3]         0.0000000000 
_pdbx_struct_oper_list.vector[1]            0.0000000000 
_pdbx_struct_oper_list.matrix[2][1]         0.0000000000 
_pdbx_struct_oper_list.matrix[2][2]         1.0000000000 
_pdbx_struct_oper_list.matrix[2][3]         0.0000000000 
_pdbx_struct_oper_list.vector[2]            0.0000000000 
_pdbx_struct_oper_list.matrix[3][1]         0.0000000000 
_pdbx_struct_oper_list.matrix[3][2]         0.0000000000 
_pdbx_struct_oper_list.matrix[3][3]         1.0000000000 
_pdbx_struct_oper_list.vector[3]            0.0000000000 
# 
_struct_biol.id   1 
# 
loop_
_struct_conf.conf_type_id 
_struct_conf.id 
_struct_conf.pdbx_PDB_helix_id 
_struct_conf.beg_label_comp_id 
_struct_conf.beg_label_asym_id 
_struct_conf.beg_label_seq_id 
_struct_conf.pdbx_beg_PDB_ins_code 
_struct_conf.end_label_comp_id 
_struct_conf.end_label_asym_id 
_struct_conf.end_label_seq_id 
_struct_conf.pdbx_end_PDB_ins_code 
_struct_conf.beg_auth_comp_id 
_struct_conf.beg_auth_asym_id 
_struct_conf.beg_auth_seq_id 
_struct_conf.end_auth_comp_id 
_struct_conf.end_auth_asym_id 
_struct_conf.end_auth_seq_id 
_struct_conf.pdbx_PDB_helix_class 
_struct_conf.details 
_struct_conf.pdbx_PDB_helix_length 
HELX_P HELX_P1 1 VAL A 5  ? LEU A 18 ? VAL A 582 LEU A 595 1 ? 14 
HELX_P HELX_P2 2 TRP A 23 ? ALA A 30 ? TRP A 600 ALA A 607 1 ? 8  
HELX_P HELX_P3 3 TYR A 39 ? SER A 54 ? TYR A 616 SER A 631 1 ? 16 
HELX_P HELX_P4 4 PRO A 57 ? GLN A 59 ? PRO A 634 GLN A 636 5 ? 3  
HELX_P HELX_P5 5 GLN A 67 ? GLN A 82 ? GLN A 644 GLN A 659 1 ? 16 
# 
_struct_conf_type.id          HELX_P 
_struct_conf_type.criteria    ? 
_struct_conf_type.reference   ? 
# 
loop_
_chem_comp_atom.comp_id 
_chem_comp_atom.atom_id 
_chem_comp_atom.type_symbol 
_chem_comp_atom.pdbx_aromatic_flag 
_chem_comp_atom.pdbx_stereo_config 
_chem_comp_atom.pdbx_ordinal 
ALA N    N N N 1   
ALA CA   C N S 2   
ALA C    C N N 3   
ALA O    O N N 4   
ALA CB   C N N 5   
ALA OXT  O N N 6   
ALA H    H N N 7   
ALA H2   H N N 8   
ALA HA   H N N 9   
ALA HB1  H N N 10  
ALA HB2  H N N 11  
ALA HB3  H N N 12  
ALA HXT  H N N 13  
ARG N    N N N 14  
ARG CA   C N S 15  
ARG C    C N N 16  
ARG O    O N N 17  
ARG CB   C N N 18  
ARG CG   C N N 19  
ARG CD   C N N 20  
ARG NE   N N N 21  
ARG CZ   C N N 22  
ARG NH1  N N N 23  
ARG NH2  N N N 24  
ARG OXT  O N N 25  
ARG H    H N N 26  
ARG H2   H N N 27  
ARG HA   H N N 28  
ARG HB2  H N N 29  
ARG HB3  H N N 30  
ARG HG2  H N N 31  
ARG HG3  H N N 32  
ARG HD2  H N N 33  
ARG HD3  H N N 34  
ARG HE   H N N 35  
ARG HH11 H N N 36  
ARG HH12 H N N 37  
ARG HH21 H N N 38  
ARG HH22 H N N 39  
ARG HXT  H N N 40  
ASN N    N N N 41  
ASN CA   C N S 42  
ASN C    C N N 43  
ASN O    O N N 44  
ASN CB   C N N 45  
ASN CG   C N N 46  
ASN OD1  O N N 47  
ASN ND2  N N N 48  
ASN OXT  O N N 49  
ASN H    H N N 50  
ASN H2   H N N 51  
ASN HA   H N N 52  
ASN HB2  H N N 53  
ASN HB3  H N N 54  
ASN HD21 H N N 55  
ASN HD22 H N N 56  
ASN HXT  H N N 57  
ASP N    N N N 58  
ASP CA   C N S 59  
ASP C    C N N 60  
ASP O    O N N 61  
ASP CB   C N N 62  
ASP CG   C N N 63  
ASP OD1  O N N 64  
ASP OD2  O N N 65  
ASP OXT  O N N 66  
ASP H    H N N 67  
ASP H2   H N N 68  
ASP HA   H N N 69  
ASP HB2  H N N 70  
ASP HB3  H N N 71  
ASP HD2  H N N 72  
ASP HXT  H N N 73  
GLN N    N N N 74  
GLN CA   C N S 75  
GLN C    C N N 76  
GLN O    O N N 77  
GLN CB   C N N 78  
GLN CG   C N N 79  
GLN CD   C N N 80  
GLN OE1  O N N 81  
GLN NE2  N N N 82  
GLN OXT  O N N 83  
GLN H    H N N 84  
GLN H2   H N N 85  
GLN HA   H N N 86  
GLN HB2  H N N 87  
GLN HB3  H N N 88  
GLN HG2  H N N 89  
GLN HG3  H N N 90  
GLN HE21 H N N 91  
GLN HE22 H N N 92  
GLN HXT  H N N 93  
GLU N    N N N 94  
GLU CA   C N S 95  
GLU C    C N N 96  
GLU O    O N N 97  
GLU CB   C N N 98  
GLU CG   C N N 99  
GLU CD   C N N 100 
GLU OE1  O N N 101 
GLU OE2  O N N 102 
GLU OXT  O N N 103 
GLU H    H N N 104 
GLU H2   H N N 105 
GLU HA   H N N 106 
GLU HB2  H N N 107 
GLU HB3  H N N 108 
GLU HG2  H N N 109 
GLU HG3  H N N 110 
GLU HE2  H N N 111 
GLU HXT  H N N 112 
GLY N    N N N 113 
GLY CA   C N N 114 
GLY C    C N N 115 
GLY O    O N N 116 
GLY OXT  O N N 117 
GLY H    H N N 118 
GLY H2   H N N 119 
GLY HA2  H N N 120 
GLY HA3  H N N 121 
GLY HXT  H N N 122 
HIS N    N N N 123 
HIS CA   C N S 124 
HIS C    C N N 125 
HIS O    O N N 126 
HIS CB   C N N 127 
HIS CG   C Y N 128 
HIS ND1  N Y N 129 
HIS CD2  C Y N 130 
HIS CE1  C Y N 131 
HIS NE2  N Y N 132 
HIS OXT  O N N 133 
HIS H    H N N 134 
HIS H2   H N N 135 
HIS HA   H N N 136 
HIS HB2  H N N 137 
HIS HB3  H N N 138 
HIS HD1  H N N 139 
HIS HD2  H N N 140 
HIS HE1  H N N 141 
HIS HE2  H N N 142 
HIS HXT  H N N 143 
HOH O    O N N 144 
HOH H1   H N N 145 
HOH H2   H N N 146 
ILE N    N N N 147 
ILE CA   C N S 148 
ILE C    C N N 149 
ILE O    O N N 150 
ILE CB   C N S 151 
ILE CG1  C N N 152 
ILE CG2  C N N 153 
ILE CD1  C N N 154 
ILE OXT  O N N 155 
ILE H    H N N 156 
ILE H2   H N N 157 
ILE HA   H N N 158 
ILE HB   H N N 159 
ILE HG12 H N N 160 
ILE HG13 H N N 161 
ILE HG21 H N N 162 
ILE HG22 H N N 163 
ILE HG23 H N N 164 
ILE HD11 H N N 165 
ILE HD12 H N N 166 
ILE HD13 H N N 167 
ILE HXT  H N N 168 
LEU N    N N N 169 
LEU CA   C N S 170 
LEU C    C N N 171 
LEU O    O N N 172 
LEU CB   C N N 173 
LEU CG   C N N 174 
LEU CD1  C N N 175 
LEU CD2  C N N 176 
LEU OXT  O N N 177 
LEU H    H N N 178 
LEU H2   H N N 179 
LEU HA   H N N 180 
LEU HB2  H N N 181 
LEU HB3  H N N 182 
LEU HG   H N N 183 
LEU HD11 H N N 184 
LEU HD12 H N N 185 
LEU HD13 H N N 186 
LEU HD21 H N N 187 
LEU HD22 H N N 188 
LEU HD23 H N N 189 
LEU HXT  H N N 190 
LYS N    N N N 191 
LYS CA   C N S 192 
LYS C    C N N 193 
LYS O    O N N 194 
LYS CB   C N N 195 
LYS CG   C N N 196 
LYS CD   C N N 197 
LYS CE   C N N 198 
LYS NZ   N N N 199 
LYS OXT  O N N 200 
LYS H    H N N 201 
LYS H2   H N N 202 
LYS HA   H N N 203 
LYS HB2  H N N 204 
LYS HB3  H N N 205 
LYS HG2  H N N 206 
LYS HG3  H N N 207 
LYS HD2  H N N 208 
LYS HD3  H N N 209 
LYS HE2  H N N 210 
LYS HE3  H N N 211 
LYS HZ1  H N N 212 
LYS HZ2  H N N 213 
LYS HZ3  H N N 214 
LYS HXT  H N N 215 
MET N    N N N 216 
MET CA   C N S 217 
MET C    C N N 218 
MET O    O N N 219 
MET CB   C N N 220 
MET CG   C N N 221 
MET SD   S N N 222 
MET CE   C N N 223 
MET OXT  O N N 224 
MET H    H N N 225 
MET H2   H N N 226 
MET HA   H N N 227 
MET HB2  H N N 228 
MET HB3  H N N 229 
MET HG2  H N N 230 
MET HG3  H N N 231 
MET HE1  H N N 232 
MET HE2  H N N 233 
MET HE3  H N N 234 
MET HXT  H N N 235 
PHE N    N N N 236 
PHE CA   C N S 237 
PHE C    C N N 238 
PHE O    O N N 239 
PHE CB   C N N 240 
PHE CG   C Y N 241 
PHE CD1  C Y N 242 
PHE CD2  C Y N 243 
PHE CE1  C Y N 244 
PHE CE2  C Y N 245 
PHE CZ   C Y N 246 
PHE OXT  O N N 247 
PHE H    H N N 248 
PHE H2   H N N 249 
PHE HA   H N N 250 
PHE HB2  H N N 251 
PHE HB3  H N N 252 
PHE HD1  H N N 253 
PHE HD2  H N N 254 
PHE HE1  H N N 255 
PHE HE2  H N N 256 
PHE HZ   H N N 257 
PHE HXT  H N N 258 
PRO N    N N N 259 
PRO CA   C N S 260 
PRO C    C N N 261 
PRO O    O N N 262 
PRO CB   C N N 263 
PRO CG   C N N 264 
PRO CD   C N N 265 
PRO OXT  O N N 266 
PRO H    H N N 267 
PRO HA   H N N 268 
PRO HB2  H N N 269 
PRO HB3  H N N 270 
PRO HG2  H N N 271 
PRO HG3  H N N 272 
PRO HD2  H N N 273 
PRO HD3  H N N 274 
PRO HXT  H N N 275 
SER N    N N N 276 
SER CA   C N S 277 
SER C    C N N 278 
SER O    O N N 279 
SER CB   C N N 280 
SER OG   O N N 281 
SER OXT  O N N 282 
SER H    H N N 283 
SER H2   H N N 284 
SER HA   H N N 285 
SER HB2  H N N 286 
SER HB3  H N N 287 
SER HG   H N N 288 
SER HXT  H N N 289 
THR N    N N N 290 
THR CA   C N S 291 
THR C    C N N 292 
THR O    O N N 293 
THR CB   C N R 294 
THR OG1  O N N 295 
THR CG2  C N N 296 
THR OXT  O N N 297 
THR H    H N N 298 
THR H2   H N N 299 
THR HA   H N N 300 
THR HB   H N N 301 
THR HG1  H N N 302 
THR HG21 H N N 303 
THR HG22 H N N 304 
THR HG23 H N N 305 
THR HXT  H N N 306 
TRP N    N N N 307 
TRP CA   C N S 308 
TRP C    C N N 309 
TRP O    O N N 310 
TRP CB   C N N 311 
TRP CG   C Y N 312 
TRP CD1  C Y N 313 
TRP CD2  C Y N 314 
TRP NE1  N Y N 315 
TRP CE2  C Y N 316 
TRP CE3  C Y N 317 
TRP CZ2  C Y N 318 
TRP CZ3  C Y N 319 
TRP CH2  C Y N 320 
TRP OXT  O N N 321 
TRP H    H N N 322 
TRP H2   H N N 323 
TRP HA   H N N 324 
TRP HB2  H N N 325 
TRP HB3  H N N 326 
TRP HD1  H N N 327 
TRP HE1  H N N 328 
TRP HE3  H N N 329 
TRP HZ2  H N N 330 
TRP HZ3  H N N 331 
TRP HH2  H N N 332 
TRP HXT  H N N 333 
TYR N    N N N 334 
TYR CA   C N S 335 
TYR C    C N N 336 
TYR O    O N N 337 
TYR CB   C N N 338 
TYR CG   C Y N 339 
TYR CD1  C Y N 340 
TYR CD2  C Y N 341 
TYR CE1  C Y N 342 
TYR CE2  C Y N 343 
TYR CZ   C Y N 344 
TYR OH   O N N 345 
TYR OXT  O N N 346 
TYR H    H N N 347 
TYR H2   H N N 348 
TYR HA   H N N 349 
TYR HB2  H N N 350 
TYR HB3  H N N 351 
TYR HD1  H N N 352 
TYR HD2  H N N 353 
TYR HE1  H N N 354 
TYR HE2  H N N 355 
TYR HH   H N N 356 
TYR HXT  H N N 357 
VAL N    N N N 358 
VAL CA   C N S 359 
VAL C    C N N 360 
VAL O    O N N 361 
VAL CB   C N N 362 
VAL CG1  C N N 363 
VAL CG2  C N N 364 
VAL OXT  O N N 365 
VAL H    H N N 366 
VAL H2   H N N 367 
VAL HA   H N N 368 
VAL HB   H N N 369 
VAL HG11 H N N 370 
VAL HG12 H N N 371 
VAL HG13 H N N 372 
VAL HG21 H N N 373 
VAL HG22 H N N 374 
VAL HG23 H N N 375 
VAL HXT  H N N 376 
# 
loop_
_chem_comp_bond.comp_id 
_chem_comp_bond.atom_id_1 
_chem_comp_bond.atom_id_2 
_chem_comp_bond.value_order 
_chem_comp_bond.pdbx_aromatic_flag 
_chem_comp_bond.pdbx_stereo_config 
_chem_comp_bond.pdbx_ordinal 
ALA N   CA   sing N N 1   
ALA N   H    sing N N 2   
ALA N   H2   sing N N 3   
ALA CA  C    sing N N 4   
ALA CA  CB   sing N N 5   
ALA CA  HA   sing N N 6   
ALA C   O    doub N N 7   
ALA C   OXT  sing N N 8   
ALA CB  HB1  sing N N 9   
ALA CB  HB2  sing N N 10  
ALA CB  HB3  sing N N 11  
ALA OXT HXT  sing N N 12  
ARG N   CA   sing N N 13  
ARG N   H    sing N N 14  
ARG N   H2   sing N N 15  
ARG CA  C    sing N N 16  
ARG CA  CB   sing N N 17  
ARG CA  HA   sing N N 18  
ARG C   O    doub N N 19  
ARG C   OXT  sing N N 20  
ARG CB  CG   sing N N 21  
ARG CB  HB2  sing N N 22  
ARG CB  HB3  sing N N 23  
ARG CG  CD   sing N N 24  
ARG CG  HG2  sing N N 25  
ARG CG  HG3  sing N N 26  
ARG CD  NE   sing N N 27  
ARG CD  HD2  sing N N 28  
ARG CD  HD3  sing N N 29  
ARG NE  CZ   sing N N 30  
ARG NE  HE   sing N N 31  
ARG CZ  NH1  sing N N 32  
ARG CZ  NH2  doub N N 33  
ARG NH1 HH11 sing N N 34  
ARG NH1 HH12 sing N N 35  
ARG NH2 HH21 sing N N 36  
ARG NH2 HH22 sing N N 37  
ARG OXT HXT  sing N N 38  
ASN N   CA   sing N N 39  
ASN N   H    sing N N 40  
ASN N   H2   sing N N 41  
ASN CA  C    sing N N 42  
ASN CA  CB   sing N N 43  
ASN CA  HA   sing N N 44  
ASN C   O    doub N N 45  
ASN C   OXT  sing N N 46  
ASN CB  CG   sing N N 47  
ASN CB  HB2  sing N N 48  
ASN CB  HB3  sing N N 49  
ASN CG  OD1  doub N N 50  
ASN CG  ND2  sing N N 51  
ASN ND2 HD21 sing N N 52  
ASN ND2 HD22 sing N N 53  
ASN OXT HXT  sing N N 54  
ASP N   CA   sing N N 55  
ASP N   H    sing N N 56  
ASP N   H2   sing N N 57  
ASP CA  C    sing N N 58  
ASP CA  CB   sing N N 59  
ASP CA  HA   sing N N 60  
ASP C   O    doub N N 61  
ASP C   OXT  sing N N 62  
ASP CB  CG   sing N N 63  
ASP CB  HB2  sing N N 64  
ASP CB  HB3  sing N N 65  
ASP CG  OD1  doub N N 66  
ASP CG  OD2  sing N N 67  
ASP OD2 HD2  sing N N 68  
ASP OXT HXT  sing N N 69  
GLN N   CA   sing N N 70  
GLN N   H    sing N N 71  
GLN N   H2   sing N N 72  
GLN CA  C    sing N N 73  
GLN CA  CB   sing N N 74  
GLN CA  HA   sing N N 75  
GLN C   O    doub N N 76  
GLN C   OXT  sing N N 77  
GLN CB  CG   sing N N 78  
GLN CB  HB2  sing N N 79  
GLN CB  HB3  sing N N 80  
GLN CG  CD   sing N N 81  
GLN CG  HG2  sing N N 82  
GLN CG  HG3  sing N N 83  
GLN CD  OE1  doub N N 84  
GLN CD  NE2  sing N N 85  
GLN NE2 HE21 sing N N 86  
GLN NE2 HE22 sing N N 87  
GLN OXT HXT  sing N N 88  
GLU N   CA   sing N N 89  
GLU N   H    sing N N 90  
GLU N   H2   sing N N 91  
GLU CA  C    sing N N 92  
GLU CA  CB   sing N N 93  
GLU CA  HA   sing N N 94  
GLU C   O    doub N N 95  
GLU C   OXT  sing N N 96  
GLU CB  CG   sing N N 97  
GLU CB  HB2  sing N N 98  
GLU CB  HB3  sing N N 99  
GLU CG  CD   sing N N 100 
GLU CG  HG2  sing N N 101 
GLU CG  HG3  sing N N 102 
GLU CD  OE1  doub N N 103 
GLU CD  OE2  sing N N 104 
GLU OE2 HE2  sing N N 105 
GLU OXT HXT  sing N N 106 
GLY N   CA   sing N N 107 
GLY N   H    sing N N 108 
GLY N   H2   sing N N 109 
GLY CA  C    sing N N 110 
GLY CA  HA2  sing N N 111 
GLY CA  HA3  sing N N 112 
GLY C   O    doub N N 113 
GLY C   OXT  sing N N 114 
GLY OXT HXT  sing N N 115 
HIS N   CA   sing N N 116 
HIS N   H    sing N N 117 
HIS N   H2   sing N N 118 
HIS CA  C    sing N N 119 
HIS CA  CB   sing N N 120 
HIS CA  HA   sing N N 121 
HIS C   O    doub N N 122 
HIS C   OXT  sing N N 123 
HIS CB  CG   sing N N 124 
HIS CB  HB2  sing N N 125 
HIS CB  HB3  sing N N 126 
HIS CG  ND1  sing Y N 127 
HIS CG  CD2  doub Y N 128 
HIS ND1 CE1  doub Y N 129 
HIS ND1 HD1  sing N N 130 
HIS CD2 NE2  sing Y N 131 
HIS CD2 HD2  sing N N 132 
HIS CE1 NE2  sing Y N 133 
HIS CE1 HE1  sing N N 134 
HIS NE2 HE2  sing N N 135 
HIS OXT HXT  sing N N 136 
HOH O   H1   sing N N 137 
HOH O   H2   sing N N 138 
ILE N   CA   sing N N 139 
ILE N   H    sing N N 140 
ILE N   H2   sing N N 141 
ILE CA  C    sing N N 142 
ILE CA  CB   sing N N 143 
ILE CA  HA   sing N N 144 
ILE C   O    doub N N 145 
ILE C   OXT  sing N N 146 
ILE CB  CG1  sing N N 147 
ILE CB  CG2  sing N N 148 
ILE CB  HB   sing N N 149 
ILE CG1 CD1  sing N N 150 
ILE CG1 HG12 sing N N 151 
ILE CG1 HG13 sing N N 152 
ILE CG2 HG21 sing N N 153 
ILE CG2 HG22 sing N N 154 
ILE CG2 HG23 sing N N 155 
ILE CD1 HD11 sing N N 156 
ILE CD1 HD12 sing N N 157 
ILE CD1 HD13 sing N N 158 
ILE OXT HXT  sing N N 159 
LEU N   CA   sing N N 160 
LEU N   H    sing N N 161 
LEU N   H2   sing N N 162 
LEU CA  C    sing N N 163 
LEU CA  CB   sing N N 164 
LEU CA  HA   sing N N 165 
LEU C   O    doub N N 166 
LEU C   OXT  sing N N 167 
LEU CB  CG   sing N N 168 
LEU CB  HB2  sing N N 169 
LEU CB  HB3  sing N N 170 
LEU CG  CD1  sing N N 171 
LEU CG  CD2  sing N N 172 
LEU CG  HG   sing N N 173 
LEU CD1 HD11 sing N N 174 
LEU CD1 HD12 sing N N 175 
LEU CD1 HD13 sing N N 176 
LEU CD2 HD21 sing N N 177 
LEU CD2 HD22 sing N N 178 
LEU CD2 HD23 sing N N 179 
LEU OXT HXT  sing N N 180 
LYS N   CA   sing N N 181 
LYS N   H    sing N N 182 
LYS N   H2   sing N N 183 
LYS CA  C    sing N N 184 
LYS CA  CB   sing N N 185 
LYS CA  HA   sing N N 186 
LYS C   O    doub N N 187 
LYS C   OXT  sing N N 188 
LYS CB  CG   sing N N 189 
LYS CB  HB2  sing N N 190 
LYS CB  HB3  sing N N 191 
LYS CG  CD   sing N N 192 
LYS CG  HG2  sing N N 193 
LYS CG  HG3  sing N N 194 
LYS CD  CE   sing N N 195 
LYS CD  HD2  sing N N 196 
LYS CD  HD3  sing N N 197 
LYS CE  NZ   sing N N 198 
LYS CE  HE2  sing N N 199 
LYS CE  HE3  sing N N 200 
LYS NZ  HZ1  sing N N 201 
LYS NZ  HZ2  sing N N 202 
LYS NZ  HZ3  sing N N 203 
LYS OXT HXT  sing N N 204 
MET N   CA   sing N N 205 
MET N   H    sing N N 206 
MET N   H2   sing N N 207 
MET CA  C    sing N N 208 
MET CA  CB   sing N N 209 
MET CA  HA   sing N N 210 
MET C   O    doub N N 211 
MET C   OXT  sing N N 212 
MET CB  CG   sing N N 213 
MET CB  HB2  sing N N 214 
MET CB  HB3  sing N N 215 
MET CG  SD   sing N N 216 
MET CG  HG2  sing N N 217 
MET CG  HG3  sing N N 218 
MET SD  CE   sing N N 219 
MET CE  HE1  sing N N 220 
MET CE  HE2  sing N N 221 
MET CE  HE3  sing N N 222 
MET OXT HXT  sing N N 223 
PHE N   CA   sing N N 224 
PHE N   H    sing N N 225 
PHE N   H2   sing N N 226 
PHE CA  C    sing N N 227 
PHE CA  CB   sing N N 228 
PHE CA  HA   sing N N 229 
PHE C   O    doub N N 230 
PHE C   OXT  sing N N 231 
PHE CB  CG   sing N N 232 
PHE CB  HB2  sing N N 233 
PHE CB  HB3  sing N N 234 
PHE CG  CD1  doub Y N 235 
PHE CG  CD2  sing Y N 236 
PHE CD1 CE1  sing Y N 237 
PHE CD1 HD1  sing N N 238 
PHE CD2 CE2  doub Y N 239 
PHE CD2 HD2  sing N N 240 
PHE CE1 CZ   doub Y N 241 
PHE CE1 HE1  sing N N 242 
PHE CE2 CZ   sing Y N 243 
PHE CE2 HE2  sing N N 244 
PHE CZ  HZ   sing N N 245 
PHE OXT HXT  sing N N 246 
PRO N   CA   sing N N 247 
PRO N   CD   sing N N 248 
PRO N   H    sing N N 249 
PRO CA  C    sing N N 250 
PRO CA  CB   sing N N 251 
PRO CA  HA   sing N N 252 
PRO C   O    doub N N 253 
PRO C   OXT  sing N N 254 
PRO CB  CG   sing N N 255 
PRO CB  HB2  sing N N 256 
PRO CB  HB3  sing N N 257 
PRO CG  CD   sing N N 258 
PRO CG  HG2  sing N N 259 
PRO CG  HG3  sing N N 260 
PRO CD  HD2  sing N N 261 
PRO CD  HD3  sing N N 262 
PRO OXT HXT  sing N N 263 
SER N   CA   sing N N 264 
SER N   H    sing N N 265 
SER N   H2   sing N N 266 
SER CA  C    sing N N 267 
SER CA  CB   sing N N 268 
SER CA  HA   sing N N 269 
SER C   O    doub N N 270 
SER C   OXT  sing N N 271 
SER CB  OG   sing N N 272 
SER CB  HB2  sing N N 273 
SER CB  HB3  sing N N 274 
SER OG  HG   sing N N 275 
SER OXT HXT  sing N N 276 
THR N   CA   sing N N 277 
THR N   H    sing N N 278 
THR N   H2   sing N N 279 
THR CA  C    sing N N 280 
THR CA  CB   sing N N 281 
THR CA  HA   sing N N 282 
THR C   O    doub N N 283 
THR C   OXT  sing N N 284 
THR CB  OG1  sing N N 285 
THR CB  CG2  sing N N 286 
THR CB  HB   sing N N 287 
THR OG1 HG1  sing N N 288 
THR CG2 HG21 sing N N 289 
THR CG2 HG22 sing N N 290 
THR CG2 HG23 sing N N 291 
THR OXT HXT  sing N N 292 
TRP N   CA   sing N N 293 
TRP N   H    sing N N 294 
TRP N   H2   sing N N 295 
TRP CA  C    sing N N 296 
TRP CA  CB   sing N N 297 
TRP CA  HA   sing N N 298 
TRP C   O    doub N N 299 
TRP C   OXT  sing N N 300 
TRP CB  CG   sing N N 301 
TRP CB  HB2  sing N N 302 
TRP CB  HB3  sing N N 303 
TRP CG  CD1  doub Y N 304 
TRP CG  CD2  sing Y N 305 
TRP CD1 NE1  sing Y N 306 
TRP CD1 HD1  sing N N 307 
TRP CD2 CE2  doub Y N 308 
TRP CD2 CE3  sing Y N 309 
TRP NE1 CE2  sing Y N 310 
TRP NE1 HE1  sing N N 311 
TRP CE2 CZ2  sing Y N 312 
TRP CE3 CZ3  doub Y N 313 
TRP CE3 HE3  sing N N 314 
TRP CZ2 CH2  doub Y N 315 
TRP CZ2 HZ2  sing N N 316 
TRP CZ3 CH2  sing Y N 317 
TRP CZ3 HZ3  sing N N 318 
TRP CH2 HH2  sing N N 319 
TRP OXT HXT  sing N N 320 
TYR N   CA   sing N N 321 
TYR N   H    sing N N 322 
TYR N   H2   sing N N 323 
TYR CA  C    sing N N 324 
TYR CA  CB   sing N N 325 
TYR CA  HA   sing N N 326 
TYR C   O    doub N N 327 
TYR C   OXT  sing N N 328 
TYR CB  CG   sing N N 329 
TYR CB  HB2  sing N N 330 
TYR CB  HB3  sing N N 331 
TYR CG  CD1  doub Y N 332 
TYR CG  CD2  sing Y N 333 
TYR CD1 CE1  sing Y N 334 
TYR CD1 HD1  sing N N 335 
TYR CD2 CE2  doub Y N 336 
TYR CD2 HD2  sing N N 337 
TYR CE1 CZ   doub Y N 338 
TYR CE1 HE1  sing N N 339 
TYR CE2 CZ   sing Y N 340 
TYR CE2 HE2  sing N N 341 
TYR CZ  OH   sing N N 342 
TYR OH  HH   sing N N 343 
TYR OXT HXT  sing N N 344 
VAL N   CA   sing N N 345 
VAL N   H    sing N N 346 
VAL N   H2   sing N N 347 
VAL CA  C    sing N N 348 
VAL CA  CB   sing N N 349 
VAL CA  HA   sing N N 350 
VAL C   O    doub N N 351 
VAL C   OXT  sing N N 352 
VAL CB  CG1  sing N N 353 
VAL CB  CG2  sing N N 354 
VAL CB  HB   sing N N 355 
VAL CG1 HG11 sing N N 356 
VAL CG1 HG12 sing N N 357 
VAL CG1 HG13 sing N N 358 
VAL CG2 HG21 sing N N 359 
VAL CG2 HG22 sing N N 360 
VAL CG2 HG23 sing N N 361 
VAL OXT HXT  sing N N 362 
# 
_atom_sites.entry_id                    2CKX 
_atom_sites.fract_transf_matrix[1][1]   0.00523069 
_atom_sites.fract_transf_matrix[1][2]   -0.01774460 
_atom_sites.fract_transf_matrix[1][3]   -0.01670254 
_atom_sites.fract_transf_matrix[2][1]   -0.01807992 
_atom_sites.fract_transf_matrix[2][2]   -0.00923108 
_atom_sites.fract_transf_matrix[2][3]   0.00414496 
_atom_sites.fract_transf_matrix[3][1]   -0.00848001 
_atom_sites.fract_transf_matrix[3][2]   0.01043741 
_atom_sites.fract_transf_matrix[3][3]   -0.01374425 
_atom_sites.fract_transf_vector[1]      0.046194 
_atom_sites.fract_transf_vector[2]      1.461585 
_atom_sites.fract_transf_vector[3]      0.162562 
# 
loop_
_atom_type.symbol 
C 
N 
O 
S 
# 
loop_
_atom_site.group_PDB 
_atom_site.id 
_atom_site.type_symbol 
_atom_site.label_atom_id 
_atom_site.label_alt_id 
_atom_site.label_comp_id 
_atom_site.label_asym_id 
_atom_site.label_entity_id 
_atom_site.label_seq_id 
_atom_site.pdbx_PDB_ins_code 
_atom_site.Cartn_x 
_atom_site.Cartn_y 
_atom_site.Cartn_z 
_atom_site.occupancy 
_atom_site.B_iso_or_equiv 
_atom_site.pdbx_formal_charge 
_atom_site.auth_seq_id 
_atom_site.auth_comp_id 
_atom_site.auth_asym_id 
_atom_site.auth_atom_id 
_atom_site.pdbx_PDB_model_num 
ATOM   1   N N   . ARG A 1 1  ? -2.741  8.569   11.555  1.00 36.42 ? 578  ARG A N   1 
ATOM   2   C CA  . ARG A 1 1  ? -3.335  7.390   12.241  1.00 35.78 ? 578  ARG A CA  1 
ATOM   3   C C   . ARG A 1 1  ? -3.288  6.106   11.411  1.00 33.83 ? 578  ARG A C   1 
ATOM   4   O O   . ARG A 1 1  ? -3.021  6.138   10.208  1.00 32.99 ? 578  ARG A O   1 
ATOM   5   C CB  . ARG A 1 1  ? -4.769  7.707   12.679  1.00 38.90 ? 578  ARG A CB  1 
ATOM   6   C CG  . ARG A 1 1  ? -4.812  8.449   14.013  1.00 41.90 ? 578  ARG A CG  1 
ATOM   7   C CD  . ARG A 1 1  ? -4.033  7.657   15.066  1.00 44.71 ? 578  ARG A CD  1 
ATOM   8   N NE  . ARG A 1 1  ? -3.573  8.473   16.187  1.00 47.50 ? 578  ARG A NE  1 
ATOM   9   C CZ  . ARG A 1 1  ? -2.751  8.031   17.137  1.00 48.51 ? 578  ARG A CZ  1 
ATOM   10  N NH1 . ARG A 1 1  ? -2.302  6.780   17.100  1.00 49.58 ? 578  ARG A NH1 1 
ATOM   11  N NH2 . ARG A 1 1  ? -2.372  8.836   18.124  1.00 49.04 ? 578  ARG A NH2 1 
ATOM   12  N N   . PRO A 1 2  ? -3.552  4.954   12.049  1.00 31.25 ? 579  PRO A N   1 
ATOM   13  C CA  . PRO A 1 2  ? -3.521  3.664   11.356  1.00 28.45 ? 579  PRO A CA  1 
ATOM   14  C C   . PRO A 1 2  ? -4.387  3.594   10.111  1.00 24.43 ? 579  PRO A C   1 
ATOM   15  O O   . PRO A 1 2  ? -5.506  4.101   10.090  1.00 22.24 ? 579  PRO A O   1 
ATOM   16  C CB  . PRO A 1 2  ? -4.002  2.682   12.426  1.00 29.95 ? 579  PRO A CB  1 
ATOM   17  C CG  . PRO A 1 2  ? -3.616  3.350   13.705  1.00 30.91 ? 579  PRO A CG  1 
ATOM   18  C CD  . PRO A 1 2  ? -4.006  4.772   13.439  1.00 31.47 ? 579  PRO A CD  1 
ATOM   19  N N   . PHE A 1 3  ? -3.854  2.964   9.072   1.00 21.07 ? 580  PHE A N   1 
ATOM   20  C CA  . PHE A 1 3  ? -4.598  2.783   7.839   1.00 18.28 ? 580  PHE A CA  1 
ATOM   21  C C   . PHE A 1 3  ? -5.632  1.706   8.080   1.00 17.30 ? 580  PHE A C   1 
ATOM   22  O O   . PHE A 1 3  ? -5.327  0.671   8.658   1.00 17.93 ? 580  PHE A O   1 
ATOM   23  C CB  . PHE A 1 3  ? -3.684  2.298   6.717   1.00 18.05 ? 580  PHE A CB  1 
ATOM   24  C CG  . PHE A 1 3  ? -3.025  3.397   5.960   1.00 18.89 ? 580  PHE A CG  1 
ATOM   25  C CD1 . PHE A 1 3  ? -2.152  4.263   6.594   1.00 18.84 ? 580  PHE A CD1 1 
ATOM   26  C CD2 . PHE A 1 3  ? -3.280  3.565   4.605   1.00 19.13 ? 580  PHE A CD2 1 
ATOM   27  C CE1 . PHE A 1 3  ? -1.538  5.289   5.888   1.00 20.86 ? 580  PHE A CE1 1 
ATOM   28  C CE2 . PHE A 1 3  ? -2.671  4.589   3.892   1.00 20.33 ? 580  PHE A CE2 1 
ATOM   29  C CZ  . PHE A 1 3  ? -1.800  5.451   4.533   1.00 19.04 ? 580  PHE A CZ  1 
ATOM   30  N N   . SER A 1 4  ? -6.856  1.944   7.644   1.00 16.59 ? 581  SER A N   1 
ATOM   31  C CA  . SER A 1 4  ? -7.882  0.938   7.790   1.00 16.02 ? 581  SER A CA  1 
ATOM   32  C C   . SER A 1 4  ? -7.625  -0.034  6.644   1.00 15.81 ? 581  SER A C   1 
ATOM   33  O O   . SER A 1 4  ? -6.853  0.264   5.724   1.00 14.43 ? 581  SER A O   1 
ATOM   34  C CB  . SER A 1 4  ? -9.252  1.560   7.609   1.00 16.17 ? 581  SER A CB  1 
ATOM   35  O OG  . SER A 1 4  ? -9.379  2.017   6.278   1.00 13.38 ? 581  SER A OG  1 
ATOM   36  N N   . VAL A 1 5  ? -8.269  -1.190  6.684   1.00 14.39 ? 582  VAL A N   1 
ATOM   37  C CA  . VAL A 1 5  ? -8.085  -2.165  5.622   1.00 14.33 ? 582  VAL A CA  1 
ATOM   38  C C   . VAL A 1 5  ? -8.585  -1.571  4.310   1.00 12.62 ? 582  VAL A C   1 
ATOM   39  O O   . VAL A 1 5  ? -8.033  -1.846  3.248   1.00 12.88 ? 582  VAL A O   1 
ATOM   40  C CB  . VAL A 1 5  ? -8.851  -3.461  5.916   1.00 15.91 ? 582  VAL A CB  1 
ATOM   41  C CG1 . VAL A 1 5  ? -8.599  -4.474  4.803   1.00 16.05 ? 582  VAL A CG1 1 
ATOM   42  C CG2 . VAL A 1 5  ? -8.413  -4.025  7.247   1.00 18.83 ? 582  VAL A CG2 1 
ATOM   43  N N   . ALA A 1 6  ? -9.635  -0.758  4.391   1.00 13.25 ? 583  ALA A N   1 
ATOM   44  C CA  . ALA A 1 6  ? -10.193 -0.121  3.201   1.00 13.20 ? 583  ALA A CA  1 
ATOM   45  C C   . ALA A 1 6  ? -9.131  0.772   2.589   1.00 11.99 ? 583  ALA A C   1 
ATOM   46  O O   . ALA A 1 6  ? -8.961  0.804   1.372   1.00 12.43 ? 583  ALA A O   1 
ATOM   47  C CB  . ALA A 1 6  ? -11.419 0.715   3.568   1.00 14.94 ? 583  ALA A CB  1 
ATOM   48  N N   . GLU A 1 7  ? -8.431  1.516   3.436   1.00 12.46 ? 584  GLU A N   1 
ATOM   49  C CA  . GLU A 1 7  ? -7.379  2.402   2.949   1.00 12.75 ? 584  GLU A CA  1 
ATOM   50  C C   . GLU A 1 7  ? -6.222  1.590   2.398   1.00 12.93 ? 584  GLU A C   1 
ATOM   51  O O   . GLU A 1 7  ? -5.602  1.967   1.406   1.00 13.26 ? 584  GLU A O   1 
ATOM   52  C CB  . GLU A 1 7  ? -6.860  3.280   4.070   1.00 12.53 ? 584  GLU A CB  1 
ATOM   53  C CG  . GLU A 1 7  ? -7.856  4.299   4.553   1.00 13.99 ? 584  GLU A CG  1 
ATOM   54  C CD  . GLU A 1 7  ? -7.260  5.157   5.621   1.00 13.31 ? 584  GLU A CD  1 
ATOM   55  O OE1 . GLU A 1 7  ? -6.945  4.622   6.705   1.00 14.97 ? 584  GLU A OE1 1 
ATOM   56  O OE2 . GLU A 1 7  ? -7.091  6.362   5.369   1.00 16.57 ? 584  GLU A OE2 1 
ATOM   57  N N   . VAL A 1 8  ? -5.902  0.496   3.074   1.00 11.93 ? 585  VAL A N   1 
ATOM   58  C CA  . VAL A 1 8  ? -4.827  -0.352  2.604   1.00 11.01 ? 585  VAL A CA  1 
ATOM   59  C C   . VAL A 1 8  ? -5.224  -0.839  1.223   1.00 10.26 ? 585  VAL A C   1 
ATOM   60  O O   . VAL A 1 8  ? -4.434  -0.800  0.283   1.00 10.17 ? 585  VAL A O   1 
ATOM   61  C CB  . VAL A 1 8  ? -4.621  -1.569  3.511   1.00 12.46 ? 585  VAL A CB  1 
ATOM   62  C CG1 . VAL A 1 8  ? -3.660  -2.553  2.844   1.00 12.99 ? 585  VAL A CG1 1 
ATOM   63  C CG2 . VAL A 1 8  ? -4.071  -1.121  4.852   1.00 12.44 ? 585  VAL A CG2 1 
ATOM   64  N N   . GLU A 1 9  ? -6.461  -1.294  1.089   1.00 9.29  ? 586  GLU A N   1 
ATOM   65  C CA  . GLU A 1 9  ? -6.880  -1.786  -0.207  1.00 9.76  ? 586  GLU A CA  1 
ATOM   66  C C   . GLU A 1 9  ? -6.877  -0.678  -1.236  1.00 7.97  ? 586  GLU A C   1 
ATOM   67  O O   . GLU A 1 9  ? -6.442  -0.884  -2.358  1.00 9.66  ? 586  GLU A O   1 
ATOM   68  C CB  . GLU A 1 9  ? -8.265  -2.417  -0.144  1.00 11.39 ? 586  GLU A CB  1 
ATOM   69  C CG  . GLU A 1 9  ? -8.752  -2.829  -1.520  1.00 16.14 ? 586  GLU A CG  1 
ATOM   70  C CD  . GLU A 1 9  ? -9.549  -4.100  -1.492  1.00 17.50 ? 586  GLU A CD  1 
ATOM   71  O OE1 . GLU A 1 9  ? -9.855  -4.571  -0.377  1.00 17.15 ? 586  GLU A OE1 1 
ATOM   72  O OE2 . GLU A 1 9  ? -9.864  -4.619  -2.582  1.00 19.70 ? 586  GLU A OE2 1 
ATOM   73  N N   . ALA A 1 10 ? -7.365  0.496   -0.851  1.00 8.76  ? 587  ALA A N   1 
ATOM   74  C CA  . ALA A 1 10 ? -7.406  1.633   -1.760  1.00 9.04  ? 587  ALA A CA  1 
ATOM   75  C C   . ALA A 1 10 ? -5.983  1.927   -2.217  1.00 9.83  ? 587  ALA A C   1 
ATOM   76  O O   . ALA A 1 10 ? -5.726  2.169   -3.390  1.00 8.61  ? 587  ALA A O   1 
ATOM   77  C CB  . ALA A 1 10 ? -8.000  2.846   -1.046  1.00 9.03  ? 587  ALA A CB  1 
ATOM   78  N N   . LEU A 1 11 ? -5.057  1.896   -1.270  1.00 9.94  ? 588  LEU A N   1 
ATOM   79  C CA  . LEU A 1 11 ? -3.659  2.154   -1.581  1.00 10.02 ? 588  LEU A CA  1 
ATOM   80  C C   . LEU A 1 11 ? -3.110  1.071   -2.490  1.00 10.23 ? 588  LEU A C   1 
ATOM   81  O O   . LEU A 1 11 ? -2.456  1.354   -3.490  1.00 10.82 ? 588  LEU A O   1 
ATOM   82  C CB  . LEU A 1 11 ? -2.846  2.206   -0.290  1.00 8.95  ? 588  LEU A CB  1 
ATOM   83  C CG  . LEU A 1 11 ? -1.333  2.284   -0.455  1.00 9.40  ? 588  LEU A CG  1 
ATOM   84  C CD1 . LEU A 1 11 ? -0.952  3.564   -1.189  1.00 10.99 ? 588  LEU A CD1 1 
ATOM   85  C CD2 . LEU A 1 11 ? -0.694  2.246   0.925   1.00 8.78  ? 588  LEU A CD2 1 
ATOM   86  N N   . VAL A 1 12 ? -3.364  -0.182  -2.134  1.00 9.07  ? 589  VAL A N   1 
ATOM   87  C CA  . VAL A 1 12 ? -2.879  -1.294  -2.942  1.00 9.52  ? 589  VAL A CA  1 
ATOM   88  C C   . VAL A 1 12 ? -3.436  -1.203  -4.356  1.00 9.86  ? 589  VAL A C   1 
ATOM   89  O O   . VAL A 1 12 ? -2.709  -1.389  -5.331  1.00 9.94  ? 589  VAL A O   1 
ATOM   90  C CB  . VAL A 1 12 ? -3.270  -2.638  -2.315  1.00 10.63 ? 589  VAL A CB  1 
ATOM   91  C CG1 . VAL A 1 12 ? -2.997  -3.774  -3.296  1.00 9.91  ? 589  VAL A CG1 1 
ATOM   92  C CG2 . VAL A 1 12 ? -2.479  -2.839  -1.021  1.00 8.69  ? 589  VAL A CG2 1 
ATOM   93  N N   . GLU A 1 13 ? -4.727  -0.906  -4.464  1.00 10.40 ? 590  GLU A N   1 
ATOM   94  C CA  . GLU A 1 13 ? -5.363  -0.792  -5.769  1.00 10.22 ? 590  GLU A CA  1 
ATOM   95  C C   . GLU A 1 13 ? -4.704  0.336   -6.548  1.00 10.44 ? 590  GLU A C   1 
ATOM   96  O O   . GLU A 1 13 ? -4.383  0.186   -7.723  1.00 9.38  ? 590  GLU A O   1 
ATOM   97  C CB  . GLU A 1 13 ? -6.854  -0.506  -5.599  1.00 12.97 ? 590  GLU A CB  1 
ATOM   98  C CG  . GLU A 1 13 ? -7.662  -0.591  -6.876  1.00 15.39 ? 590  GLU A CG  1 
ATOM   99  C CD  . GLU A 1 13 ? -7.662  0.698   -7.673  1.00 16.94 ? 590  GLU A CD  1 
ATOM   100 O OE1 . GLU A 1 13 ? -8.272  0.712   -8.762  1.00 18.44 ? 590  GLU A OE1 1 
ATOM   101 O OE2 . GLU A 1 13 ? -7.060  1.698   -7.220  1.00 17.89 ? 590  GLU A OE2 1 
ATOM   102 N N   . ALA A 1 14 ? -4.501  1.465   -5.884  1.00 9.31  ? 591  ALA A N   1 
ATOM   103 C CA  . ALA A 1 14 ? -3.884  2.608   -6.534  1.00 9.71  ? 591  ALA A CA  1 
ATOM   104 C C   . ALA A 1 14 ? -2.491  2.254   -7.013  1.00 9.17  ? 591  ALA A C   1 
ATOM   105 O O   . ALA A 1 14 ? -2.103  2.597   -8.128  1.00 8.85  ? 591  ALA A O   1 
ATOM   106 C CB  . ALA A 1 14 ? -3.815  3.787   -5.580  1.00 9.81  ? 591  ALA A CB  1 
ATOM   107 N N   . VAL A 1 15 ? -1.729  1.581   -6.163  1.00 9.76  ? 592  VAL A N   1 
ATOM   108 C CA  . VAL A 1 15 ? -0.375  1.201   -6.536  1.00 9.71  ? 592  VAL A CA  1 
ATOM   109 C C   . VAL A 1 15 ? -0.423  0.188   -7.663  1.00 10.76 ? 592  VAL A C   1 
ATOM   110 O O   . VAL A 1 15 ? 0.387   0.239   -8.592  1.00 8.84  ? 592  VAL A O   1 
ATOM   111 C CB  . VAL A 1 15 ? 0.392   0.625   -5.343  1.00 7.91  ? 592  VAL A CB  1 
ATOM   112 C CG1 . VAL A 1 15 ? 1.702   0.012   -5.821  1.00 8.35  ? 592  VAL A CG1 1 
ATOM   113 C CG2 . VAL A 1 15 ? 0.669   1.747   -4.327  1.00 7.86  ? 592  VAL A CG2 1 
ATOM   114 N N   . GLU A 1 16 ? -1.358  -0.746  -7.602  1.00 9.33  ? 593  GLU A N   1 
ATOM   115 C CA  . GLU A 1 16 ? -1.452  -1.702  -8.695  1.00 11.28 ? 593  GLU A CA  1 
ATOM   116 C C   . GLU A 1 16 ? -1.644  -0.940  -9.994  1.00 11.12 ? 593  GLU A C   1 
ATOM   117 O O   . GLU A 1 16 ? -0.988  -1.210  -10.994 1.00 13.24 ? 593  GLU A O   1 
ATOM   118 C CB  . GLU A 1 16 ? -2.637  -2.632  -8.496  1.00 9.22  ? 593  GLU A CB  1 
ATOM   119 C CG  . GLU A 1 16 ? -2.437  -3.556  -7.347  1.00 11.10 ? 593  GLU A CG  1 
ATOM   120 C CD  . GLU A 1 16 ? -3.674  -4.329  -7.034  1.00 12.36 ? 593  GLU A CD  1 
ATOM   121 O OE1 . GLU A 1 16 ? -4.772  -3.767  -7.210  1.00 14.03 ? 593  GLU A OE1 1 
ATOM   122 O OE2 . GLU A 1 16 ? -3.547  -5.485  -6.598  1.00 13.36 ? 593  GLU A OE2 1 
ATOM   123 N N   . HIS A 1 17 ? -2.539  0.035   -9.972  1.00 12.97 ? 594  HIS A N   1 
ATOM   124 C CA  . HIS A 1 17 ? -2.804  0.797   -11.176 1.00 13.71 ? 594  HIS A CA  1 
ATOM   125 C C   . HIS A 1 17 ? -1.769  1.837   -11.536 1.00 14.11 ? 594  HIS A C   1 
ATOM   126 O O   . HIS A 1 17 ? -1.455  2.020   -12.705 1.00 14.12 ? 594  HIS A O   1 
ATOM   127 C CB  . HIS A 1 17 ? -4.172  1.468   -11.064 1.00 16.15 ? 594  HIS A CB  1 
ATOM   128 C CG  . HIS A 1 17 ? -5.308  0.521   -11.248 1.00 16.56 ? 594  HIS A CG  1 
ATOM   129 N ND1 . HIS A 1 17 ? -5.907  0.310   -12.470 1.00 16.50 ? 594  HIS A ND1 1 
ATOM   130 C CD2 . HIS A 1 17 ? -5.890  -0.346  -10.387 1.00 19.31 ? 594  HIS A CD2 1 
ATOM   131 C CE1 . HIS A 1 17 ? -6.806  -0.650  -12.354 1.00 18.78 ? 594  HIS A CE1 1 
ATOM   132 N NE2 . HIS A 1 17 ? -6.814  -1.065  -11.101 1.00 17.70 ? 594  HIS A NE2 1 
ATOM   133 N N   . LEU A 1 18 ? -1.219  2.502   -10.532 1.00 12.80 ? 595  LEU A N   1 
ATOM   134 C CA  . LEU A 1 18 ? -0.279  3.589   -10.779 1.00 12.93 ? 595  LEU A CA  1 
ATOM   135 C C   . LEU A 1 18 ? 1.186   3.308   -10.552 1.00 12.67 ? 595  LEU A C   1 
ATOM   136 O O   . LEU A 1 18 ? 2.056   4.048   -11.021 1.00 13.68 ? 595  LEU A O   1 
ATOM   137 C CB  . LEU A 1 18 ? -0.693  4.789   -9.929  1.00 11.30 ? 595  LEU A CB  1 
ATOM   138 C CG  . LEU A 1 18 ? -2.045  5.364   -10.335 1.00 12.35 ? 595  LEU A CG  1 
ATOM   139 C CD1 . LEU A 1 18 ? -2.532  6.329   -9.287  1.00 11.65 ? 595  LEU A CD1 1 
ATOM   140 C CD2 . LEU A 1 18 ? -1.911  6.059   -11.681 1.00 13.35 ? 595  LEU A CD2 1 
ATOM   141 N N   . GLY A 1 19 ? 1.476   2.245   -9.828  1.00 12.20 ? 596  GLY A N   1 
ATOM   142 C CA  . GLY A 1 19 ? 2.861   1.961   -9.570  1.00 13.56 ? 596  GLY A CA  1 
ATOM   143 C C   . GLY A 1 19 ? 3.299   2.551   -8.249  1.00 14.23 ? 596  GLY A C   1 
ATOM   144 O O   . GLY A 1 19 ? 2.496   3.038   -7.451  1.00 14.32 ? 596  GLY A O   1 
ATOM   145 N N   . THR A 1 20 ? 4.606   2.533   -8.050  1.00 14.32 ? 597  THR A N   1 
ATOM   146 C CA  . THR A 1 20 ? 5.203   2.984   -6.816  1.00 15.52 ? 597  THR A CA  1 
ATOM   147 C C   . THR A 1 20 ? 6.004   4.265   -6.935  1.00 15.68 ? 597  THR A C   1 
ATOM   148 O O   . THR A 1 20 ? 6.835   4.553   -6.083  1.00 17.63 ? 597  THR A O   1 
ATOM   149 C CB  . THR A 1 20 ? 6.102   1.882   -6.292  1.00 17.00 ? 597  THR A CB  1 
ATOM   150 O OG1 . THR A 1 20 ? 7.105   1.593   -7.277  1.00 16.49 ? 597  THR A OG1 1 
ATOM   151 C CG2 . THR A 1 20 ? 5.277   0.614   -6.052  1.00 16.96 ? 597  THR A CG2 1 
ATOM   152 N N   . GLY A 1 21 ? 5.760   5.030   -7.990  1.00 14.29 ? 598  GLY A N   1 
ATOM   153 C CA  . GLY A 1 21 ? 6.486   6.276   -8.164  1.00 14.18 ? 598  GLY A CA  1 
ATOM   154 C C   . GLY A 1 21 ? 5.563   7.420   -8.513  1.00 12.81 ? 598  GLY A C   1 
ATOM   155 O O   . GLY A 1 21 ? 6.001   8.472   -8.972  1.00 15.31 ? 598  GLY A O   1 
ATOM   156 N N   . ARG A 1 22 ? 4.272   7.228   -8.277  1.00 11.57 ? 599  ARG A N   1 
ATOM   157 C CA  . ARG A 1 22 ? 3.286   8.249   -8.598  1.00 12.64 ? 599  ARG A CA  1 
ATOM   158 C C   . ARG A 1 22 ? 2.390   8.453   -7.396  1.00 10.96 ? 599  ARG A C   1 
ATOM   159 O O   . ARG A 1 22 ? 1.172   8.346   -7.480  1.00 11.65 ? 599  ARG A O   1 
ATOM   160 C CB  . ARG A 1 22 ? 2.480   7.789   -9.810  1.00 10.76 ? 599  ARG A CB  1 
ATOM   161 C CG  . ARG A 1 22 ? 3.350   7.653   -11.052 1.00 13.74 ? 599  ARG A CG  1 
ATOM   162 C CD  . ARG A 1 22 ? 2.544   7.227   -12.238 1.00 14.32 ? 599  ARG A CD  1 
ATOM   163 N NE  . ARG A 1 22 ? 1.395   8.094   -12.435 1.00 17.29 ? 599  ARG A NE  1 
ATOM   164 C CZ  . ARG A 1 22 ? 0.494   7.926   -13.398 1.00 19.63 ? 599  ARG A CZ  1 
ATOM   165 N NH1 . ARG A 1 22 ? 0.621   6.920   -14.248 1.00 19.89 ? 599  ARG A NH1 1 
ATOM   166 N NH2 . ARG A 1 22 ? -0.536  8.756   -13.503 1.00 19.11 ? 599  ARG A NH2 1 
ATOM   167 N N   . TRP A 1 23 ? 3.013   8.762   -6.268  1.00 11.46 ? 600  TRP A N   1 
ATOM   168 C CA  . TRP A 1 23 ? 2.266   8.933   -5.038  1.00 11.05 ? 600  TRP A CA  1 
ATOM   169 C C   . TRP A 1 23 ? 1.220   10.026  -5.061  1.00 11.41 ? 600  TRP A C   1 
ATOM   170 O O   . TRP A 1 23 ? 0.167   9.890   -4.449  1.00 9.93  ? 600  TRP A O   1 
ATOM   171 C CB  . TRP A 1 23 ? 3.243   9.108   -3.887  1.00 11.19 ? 600  TRP A CB  1 
ATOM   172 C CG  . TRP A 1 23 ? 4.088   7.911   -3.819  1.00 11.76 ? 600  TRP A CG  1 
ATOM   173 C CD1 . TRP A 1 23 ? 5.417   7.821   -4.120  1.00 11.33 ? 600  TRP A CD1 1 
ATOM   174 C CD2 . TRP A 1 23 ? 3.634   6.576   -3.585  1.00 12.47 ? 600  TRP A CD2 1 
ATOM   175 N NE1 . TRP A 1 23 ? 5.815   6.502   -4.097  1.00 11.84 ? 600  TRP A NE1 1 
ATOM   176 C CE2 . TRP A 1 23 ? 4.738   5.719   -3.772  1.00 12.36 ? 600  TRP A CE2 1 
ATOM   177 C CE3 . TRP A 1 23 ? 2.394   6.018   -3.242  1.00 10.71 ? 600  TRP A CE3 1 
ATOM   178 C CZ2 . TRP A 1 23 ? 4.641   4.328   -3.626  1.00 12.81 ? 600  TRP A CZ2 1 
ATOM   179 C CZ3 . TRP A 1 23 ? 2.298   4.637   -3.099  1.00 11.81 ? 600  TRP A CZ3 1 
ATOM   180 C CH2 . TRP A 1 23 ? 3.416   3.809   -3.291  1.00 11.22 ? 600  TRP A CH2 1 
ATOM   181 N N   . ARG A 1 24 ? 1.489   11.111  -5.770  1.00 11.66 ? 601  ARG A N   1 
ATOM   182 C CA  . ARG A 1 24 ? 0.494   12.167  -5.835  1.00 12.38 ? 601  ARG A CA  1 
ATOM   183 C C   . ARG A 1 24 ? -0.710  11.641  -6.599  1.00 11.64 ? 601  ARG A C   1 
ATOM   184 O O   . ARG A 1 24 ? -1.844  11.987  -6.299  1.00 11.93 ? 601  ARG A O   1 
ATOM   185 C CB  . ARG A 1 24 ? 1.065   13.396  -6.531  1.00 13.57 ? 601  ARG A CB  1 
ATOM   186 C CG  . ARG A 1 24 ? 2.183   14.035  -5.737  1.00 14.86 ? 601  ARG A CG  1 
ATOM   187 C CD  . ARG A 1 24 ? 2.889   15.113  -6.530  1.00 16.34 ? 601  ARG A CD  1 
ATOM   188 N NE  . ARG A 1 24 ? 3.979   15.670  -5.735  1.00 15.29 ? 601  ARG A NE  1 
ATOM   189 C CZ  . ARG A 1 24 ? 5.076   15.000  -5.394  1.00 15.15 ? 601  ARG A CZ  1 
ATOM   190 N NH1 . ARG A 1 24 ? 5.250   13.750  -5.786  1.00 15.32 ? 601  ARG A NH1 1 
ATOM   191 N NH2 . ARG A 1 24 ? 5.990   15.578  -4.631  1.00 15.72 ? 601  ARG A NH2 1 
ATOM   192 N N   . ASP A 1 25 ? -0.462  10.796  -7.590  1.00 11.32 ? 602  ASP A N   1 
ATOM   193 C CA  . ASP A 1 25 ? -1.562  10.248  -8.365  1.00 11.25 ? 602  ASP A CA  1 
ATOM   194 C C   . ASP A 1 25 ? -2.276  9.203   -7.529  1.00 10.50 ? 602  ASP A C   1 
ATOM   195 O O   . ASP A 1 25 ? -3.493  9.077   -7.577  1.00 11.33 ? 602  ASP A O   1 
ATOM   196 C CB  . ASP A 1 25 ? -1.048  9.659   -9.669  1.00 13.17 ? 602  ASP A CB  1 
ATOM   197 C CG  . ASP A 1 25 ? -0.518  10.727  -10.600 1.00 14.95 ? 602  ASP A CG  1 
ATOM   198 O OD1 . ASP A 1 25 ? -1.169  11.786  -10.703 1.00 17.88 ? 602  ASP A OD1 1 
ATOM   199 O OD2 . ASP A 1 25 ? 0.537   10.512  -11.222 1.00 18.40 ? 602  ASP A OD2 1 
ATOM   200 N N   . VAL A 1 26 ? -1.505  8.460   -6.750  1.00 11.25 ? 603  VAL A N   1 
ATOM   201 C CA  . VAL A 1 26 ? -2.091  7.466   -5.881  1.00 11.59 ? 603  VAL A CA  1 
ATOM   202 C C   . VAL A 1 26 ? -2.999  8.209   -4.904  1.00 11.02 ? 603  VAL A C   1 
ATOM   203 O O   . VAL A 1 26 ? -4.110  7.783   -4.634  1.00 10.72 ? 603  VAL A O   1 
ATOM   204 C CB  . VAL A 1 26 ? -0.999  6.713   -5.113  1.00 12.43 ? 603  VAL A CB  1 
ATOM   205 C CG1 . VAL A 1 26 ? -1.618  5.897   -3.989  1.00 11.30 ? 603  VAL A CG1 1 
ATOM   206 C CG2 . VAL A 1 26 ? -0.236  5.804   -6.081  1.00 9.98  ? 603  VAL A CG2 1 
ATOM   207 N N   . LYS A 1 27 ? -2.516  9.326   -4.373  1.00 12.66 ? 604  LYS A N   1 
ATOM   208 C CA  . LYS A 1 27 ? -3.321  10.098  -3.441  1.00 14.00 ? 604  LYS A CA  1 
ATOM   209 C C   . LYS A 1 27 ? -4.617  10.546  -4.092  1.00 13.95 ? 604  LYS A C   1 
ATOM   210 O O   . LYS A 1 27 ? -5.702  10.372  -3.536  1.00 13.95 ? 604  LYS A O   1 
ATOM   211 C CB  . LYS A 1 27 ? -2.570  11.328  -2.943  1.00 13.65 ? 604  LYS A CB  1 
ATOM   212 C CG  . LYS A 1 27 ? -3.474  12.245  -2.121  1.00 16.24 ? 604  LYS A CG  1 
ATOM   213 C CD  . LYS A 1 27 ? -2.718  13.002  -1.071  1.00 19.11 ? 604  LYS A CD  1 
ATOM   214 C CE  . LYS A 1 27 ? -3.667  13.880  -0.269  1.00 16.15 ? 604  LYS A CE  1 
ATOM   215 N NZ  . LYS A 1 27 ? -4.661  13.081  0.493   1.00 13.64 ? 604  LYS A NZ  1 
ATOM   216 N N   . MET A 1 28 ? -4.492  11.131  -5.275  1.00 15.27 ? 605  MET A N   1 
ATOM   217 C CA  . MET A 1 28 ? -5.647  11.620  -6.000  1.00 16.75 ? 605  MET A CA  1 
ATOM   218 C C   . MET A 1 28 ? -6.614  10.494  -6.315  1.00 16.51 ? 605  MET A C   1 
ATOM   219 O O   . MET A 1 28 ? -7.829  10.673  -6.258  1.00 14.49 ? 605  MET A O   1 
ATOM   220 C CB  . MET A 1 28 ? -5.188  12.290  -7.288  1.00 21.25 ? 605  MET A CB  1 
ATOM   221 C CG  . MET A 1 28 ? -5.570  13.747  -7.391  1.00 30.11 ? 605  MET A CG  1 
ATOM   222 S SD  . MET A 1 28 ? -4.308  14.706  -8.241  1.00 35.61 ? 605  MET A SD  1 
ATOM   223 C CE  . MET A 1 28 ? -4.222  13.848  -9.830  1.00 36.84 ? 605  MET A CE  1 
ATOM   224 N N   . ARG A 1 29 ? -6.068  9.328   -6.639  1.00 14.91 ? 606  ARG A N   1 
ATOM   225 C CA  . ARG A 1 29 ? -6.891  8.180   -6.984  1.00 14.65 ? 606  ARG A CA  1 
ATOM   226 C C   . ARG A 1 29 ? -7.636  7.573   -5.810  1.00 15.04 ? 606  ARG A C   1 
ATOM   227 O O   . ARG A 1 29 ? -8.836  7.317   -5.888  1.00 13.66 ? 606  ARG A O   1 
ATOM   228 C CB  . ARG A 1 29 ? -6.030  7.089   -7.631  1.00 13.50 ? 606  ARG A CB  1 
ATOM   229 C CG  . ARG A 1 29 ? -6.821  5.873   -8.092  1.00 16.84 ? 606  ARG A CG  1 
ATOM   230 C CD  . ARG A 1 29 ? -5.912  4.746   -8.555  1.00 16.70 ? 606  ARG A CD  1 
ATOM   231 N NE  . ARG A 1 29 ? -6.671  3.616   -9.090  1.00 17.76 ? 606  ARG A NE  1 
ATOM   232 C CZ  . ARG A 1 29 ? -7.227  3.590   -10.298 1.00 19.84 ? 606  ARG A CZ  1 
ATOM   233 N NH1 . ARG A 1 29 ? -7.111  4.636   -11.106 1.00 20.71 ? 606  ARG A NH1 1 
ATOM   234 N NH2 . ARG A 1 29 ? -7.892  2.515   -10.701 1.00 20.04 ? 606  ARG A NH2 1 
ATOM   235 N N   . ALA A 1 30 ? -6.928  7.362   -4.709  1.00 14.23 ? 607  ALA A N   1 
ATOM   236 C CA  . ALA A 1 30 ? -7.533  6.698   -3.571  1.00 15.12 ? 607  ALA A CA  1 
ATOM   237 C C   . ALA A 1 30 ? -7.630  7.470   -2.267  1.00 14.00 ? 607  ALA A C   1 
ATOM   238 O O   . ALA A 1 30 ? -8.255  6.997   -1.330  1.00 14.79 ? 607  ALA A O   1 
ATOM   239 C CB  . ALA A 1 30 ? -6.789  5.389   -3.321  1.00 13.65 ? 607  ALA A CB  1 
ATOM   240 N N   . PHE A 1 31 ? -7.022  8.645   -2.184  1.00 13.24 ? 608  PHE A N   1 
ATOM   241 C CA  . PHE A 1 31 ? -7.060  9.382   -0.931  1.00 12.82 ? 608  PHE A CA  1 
ATOM   242 C C   . PHE A 1 31 ? -7.254  10.855  -1.181  1.00 13.77 ? 608  PHE A C   1 
ATOM   243 O O   . PHE A 1 31 ? -6.774  11.687  -0.423  1.00 13.02 ? 608  PHE A O   1 
ATOM   244 C CB  . PHE A 1 31 ? -5.756  9.149   -0.173  1.00 12.10 ? 608  PHE A CB  1 
ATOM   245 C CG  . PHE A 1 31 ? -5.542  7.718   0.211   1.00 11.91 ? 608  PHE A CG  1 
ATOM   246 C CD1 . PHE A 1 31 ? -5.963  7.249   1.447   1.00 14.40 ? 608  PHE A CD1 1 
ATOM   247 C CD2 . PHE A 1 31 ? -4.983  6.824   -0.693  1.00 12.09 ? 608  PHE A CD2 1 
ATOM   248 C CE1 . PHE A 1 31 ? -5.829  5.903   1.781   1.00 14.29 ? 608  PHE A CE1 1 
ATOM   249 C CE2 . PHE A 1 31 ? -4.849  5.481   -0.376  1.00 11.82 ? 608  PHE A CE2 1 
ATOM   250 C CZ  . PHE A 1 31 ? -5.273  5.019   0.867   1.00 13.54 ? 608  PHE A CZ  1 
ATOM   251 N N   . ASP A 1 32 ? -7.990  11.166  -2.239  1.00 16.26 ? 609  ASP A N   1 
ATOM   252 C CA  . ASP A 1 32 ? -8.210  12.548  -2.624  1.00 21.62 ? 609  ASP A CA  1 
ATOM   253 C C   . ASP A 1 32 ? -8.796  13.435  -1.534  1.00 22.53 ? 609  ASP A C   1 
ATOM   254 O O   . ASP A 1 32 ? -8.392  14.588  -1.392  1.00 23.92 ? 609  ASP A O   1 
ATOM   255 C CB  . ASP A 1 32 ? -9.089  12.602  -3.871  1.00 24.06 ? 609  ASP A CB  1 
ATOM   256 C CG  . ASP A 1 32 ? -9.098  13.975  -4.510  1.00 29.27 ? 609  ASP A CG  1 
ATOM   257 O OD1 . ASP A 1 32 ? -7.998  14.515  -4.746  1.00 30.90 ? 609  ASP A OD1 1 
ATOM   258 O OD2 . ASP A 1 32 ? -10.197 14.509  -4.776  1.00 31.71 ? 609  ASP A OD2 1 
ATOM   259 N N   . ASN A 1 33 ? -9.740  12.897  -0.767  1.00 23.63 ? 610  ASN A N   1 
ATOM   260 C CA  . ASN A 1 33 ? -10.386 13.655  0.302   1.00 25.73 ? 610  ASN A CA  1 
ATOM   261 C C   . ASN A 1 33 ? -9.884  13.251  1.689   1.00 24.97 ? 610  ASN A C   1 
ATOM   262 O O   . ASN A 1 33 ? -10.576 13.433  2.688   1.00 26.06 ? 610  ASN A O   1 
ATOM   263 C CB  . ASN A 1 33 ? -11.906 13.464  0.234   1.00 29.33 ? 610  ASN A CB  1 
ATOM   264 C CG  . ASN A 1 33 ? -12.316 12.008  0.342   1.00 32.68 ? 610  ASN A CG  1 
ATOM   265 O OD1 . ASN A 1 33 ? -11.877 11.297  1.248   1.00 36.74 ? 610  ASN A OD1 1 
ATOM   266 N ND2 . ASN A 1 33 ? -13.165 11.555  -0.580  1.00 34.90 ? 610  ASN A ND2 1 
ATOM   267 N N   . ALA A 1 34 ? -8.685  12.690  1.755   1.00 22.26 ? 611  ALA A N   1 
ATOM   268 C CA  . ALA A 1 34 ? -8.130  12.297  3.037   1.00 20.08 ? 611  ALA A CA  1 
ATOM   269 C C   . ALA A 1 34 ? -6.878  13.128  3.279   1.00 19.36 ? 611  ALA A C   1 
ATOM   270 O O   . ALA A 1 34 ? -5.768  12.678  3.008   1.00 18.29 ? 611  ALA A O   1 
ATOM   271 C CB  . ALA A 1 34 ? -7.793  10.814  3.031   1.00 19.84 ? 611  ALA A CB  1 
ATOM   272 N N   . ASP A 1 35 ? -7.062  14.344  3.786   1.00 18.44 ? 612  ASP A N   1 
ATOM   273 C CA  . ASP A 1 35 ? -5.938  15.241  4.038   1.00 18.48 ? 612  ASP A CA  1 
ATOM   274 C C   . ASP A 1 35 ? -4.873  14.645  4.940   1.00 17.84 ? 612  ASP A C   1 
ATOM   275 O O   . ASP A 1 35 ? -3.701  14.974  4.814   1.00 17.26 ? 612  ASP A O   1 
ATOM   276 C CB  . ASP A 1 35 ? -6.430  16.558  4.635   1.00 19.01 ? 612  ASP A CB  1 
ATOM   277 C CG  . ASP A 1 35 ? -7.318  17.320  3.686   1.00 20.18 ? 612  ASP A CG  1 
ATOM   278 O OD1 . ASP A 1 35 ? -7.571  16.811  2.571   1.00 21.34 ? 612  ASP A OD1 1 
ATOM   279 O OD2 . ASP A 1 35 ? -7.765  18.425  4.050   1.00 21.85 ? 612  ASP A OD2 1 
ATOM   280 N N   . HIS A 1 36 ? -5.276  13.763  5.846   1.00 17.61 ? 613  HIS A N   1 
ATOM   281 C CA  . HIS A 1 36 ? -4.326  13.142  6.757   1.00 17.17 ? 613  HIS A CA  1 
ATOM   282 C C   . HIS A 1 36 ? -3.486  12.077  6.066   1.00 15.85 ? 613  HIS A C   1 
ATOM   283 O O   . HIS A 1 36 ? -2.550  11.536  6.651   1.00 16.63 ? 613  HIS A O   1 
ATOM   284 C CB  . HIS A 1 36 ? -5.071  12.519  7.930   1.00 19.98 ? 613  HIS A CB  1 
ATOM   285 C CG  . HIS A 1 36 ? -6.090  11.508  7.518   1.00 19.55 ? 613  HIS A CG  1 
ATOM   286 N ND1 . HIS A 1 36 ? -7.259  11.849  6.873   1.00 20.45 ? 613  HIS A ND1 1 
ATOM   287 C CD2 . HIS A 1 36 ? -6.107  10.161  7.645   1.00 19.33 ? 613  HIS A CD2 1 
ATOM   288 C CE1 . HIS A 1 36 ? -7.953  10.754  6.621   1.00 18.59 ? 613  HIS A CE1 1 
ATOM   289 N NE2 . HIS A 1 36 ? -7.276  9.717   7.079   1.00 21.30 ? 613  HIS A NE2 1 
ATOM   290 N N   . ARG A 1 37 ? -3.836  11.769  4.821   1.00 13.61 ? 614  ARG A N   1 
ATOM   291 C CA  . ARG A 1 37 ? -3.110  10.780  4.036   1.00 14.07 ? 614  ARG A CA  1 
ATOM   292 C C   . ARG A 1 37 ? -2.390  11.516  2.922   1.00 12.57 ? 614  ARG A C   1 
ATOM   293 O O   . ARG A 1 37 ? -2.927  11.660  1.829   1.00 12.13 ? 614  ARG A O   1 
ATOM   294 C CB  . ARG A 1 37 ? -4.073  9.775   3.407   1.00 13.11 ? 614  ARG A CB  1 
ATOM   295 C CG  . ARG A 1 37 ? -4.885  8.974   4.395   1.00 17.10 ? 614  ARG A CG  1 
ATOM   296 C CD  . ARG A 1 37 ? -4.012  8.238   5.375   1.00 15.61 ? 614  ARG A CD  1 
ATOM   297 N NE  . ARG A 1 37 ? -4.817  7.343   6.197   1.00 18.40 ? 614  ARG A NE  1 
ATOM   298 C CZ  . ARG A 1 37 ? -4.522  7.011   7.444   1.00 16.34 ? 614  ARG A CZ  1 
ATOM   299 N NH1 . ARG A 1 37 ? -3.434  7.506   8.020   1.00 18.05 ? 614  ARG A NH1 1 
ATOM   300 N NH2 . ARG A 1 37 ? -5.318  6.186   8.116   1.00 18.98 ? 614  ARG A NH2 1 
ATOM   301 N N   . THR A 1 38 ? -1.182  11.986  3.197   1.00 11.50 ? 615  THR A N   1 
ATOM   302 C CA  . THR A 1 38 ? -0.431  12.706  2.186   1.00 12.31 ? 615  THR A CA  1 
ATOM   303 C C   . THR A 1 38 ? 0.164   11.671  1.253   1.00 12.08 ? 615  THR A C   1 
ATOM   304 O O   . THR A 1 38 ? 0.206   10.487  1.580   1.00 10.23 ? 615  THR A O   1 
ATOM   305 C CB  . THR A 1 38 ? 0.719   13.470  2.796   1.00 11.13 ? 615  THR A CB  1 
ATOM   306 O OG1 . THR A 1 38 ? 1.639   12.530  3.348   1.00 11.66 ? 615  THR A OG1 1 
ATOM   307 C CG2 . THR A 1 38 ? 0.222   14.414  3.882   1.00 15.50 ? 615  THR A CG2 1 
ATOM   308 N N   . TYR A 1 39 ? 0.642   12.120  0.100   1.00 11.92 ? 616  TYR A N   1 
ATOM   309 C CA  . TYR A 1 39 ? 1.224   11.204  -0.855  1.00 11.14 ? 616  TYR A CA  1 
ATOM   310 C C   . TYR A 1 39 ? 2.424   10.538  -0.199  1.00 11.77 ? 616  TYR A C   1 
ATOM   311 O O   . TYR A 1 39 ? 2.745   9.393   -0.502  1.00 10.91 ? 616  TYR A O   1 
ATOM   312 C CB  . TYR A 1 39 ? 1.640   11.948  -2.123  1.00 12.43 ? 616  TYR A CB  1 
ATOM   313 C CG  . TYR A 1 39 ? 2.901   12.761  -1.986  1.00 13.00 ? 616  TYR A CG  1 
ATOM   314 C CD1 . TYR A 1 39 ? 4.152   12.186  -2.221  1.00 13.67 ? 616  TYR A CD1 1 
ATOM   315 C CD2 . TYR A 1 39 ? 2.846   14.102  -1.628  1.00 13.19 ? 616  TYR A CD2 1 
ATOM   316 C CE1 . TYR A 1 39 ? 5.322   12.936  -2.108  1.00 13.43 ? 616  TYR A CE1 1 
ATOM   317 C CE2 . TYR A 1 39 ? 4.007   14.861  -1.506  1.00 13.55 ? 616  TYR A CE2 1 
ATOM   318 C CZ  . TYR A 1 39 ? 5.238   14.274  -1.747  1.00 12.19 ? 616  TYR A CZ  1 
ATOM   319 O OH  . TYR A 1 39 ? 6.379   15.026  -1.620  1.00 12.76 ? 616  TYR A OH  1 
ATOM   320 N N   . VAL A 1 40 ? 3.082   11.255  0.707   1.00 10.64 ? 617  VAL A N   1 
ATOM   321 C CA  . VAL A 1 40 ? 4.235   10.696  1.400   1.00 12.75 ? 617  VAL A CA  1 
ATOM   322 C C   . VAL A 1 40 ? 3.750   9.589   2.327   1.00 10.96 ? 617  VAL A C   1 
ATOM   323 O O   . VAL A 1 40 ? 4.378   8.541   2.426   1.00 11.27 ? 617  VAL A O   1 
ATOM   324 C CB  . VAL A 1 40 ? 4.977   11.757  2.231   1.00 13.47 ? 617  VAL A CB  1 
ATOM   325 C CG1 . VAL A 1 40 ? 6.125   11.115  2.975   1.00 15.97 ? 617  VAL A CG1 1 
ATOM   326 C CG2 . VAL A 1 40 ? 5.485   12.873  1.326   1.00 15.53 ? 617  VAL A CG2 1 
ATOM   327 N N   . ASP A 1 41 ? 2.635   9.827   3.004   1.00 11.63 ? 618  ASP A N   1 
ATOM   328 C CA  . ASP A 1 41 ? 2.080   8.819   3.892   1.00 11.95 ? 618  ASP A CA  1 
ATOM   329 C C   . ASP A 1 41 ? 1.791   7.572   3.096   1.00 11.02 ? 618  ASP A C   1 
ATOM   330 O O   . ASP A 1 41 ? 2.030   6.460   3.555   1.00 11.69 ? 618  ASP A O   1 
ATOM   331 C CB  . ASP A 1 41 ? 0.777   9.293   4.520   1.00 12.24 ? 618  ASP A CB  1 
ATOM   332 C CG  . ASP A 1 41 ? 0.989   10.385  5.532   1.00 13.94 ? 618  ASP A CG  1 
ATOM   333 O OD1 . ASP A 1 41 ? 2.102   10.457  6.100   1.00 15.24 ? 618  ASP A OD1 1 
ATOM   334 O OD2 . ASP A 1 41 ? 0.036   11.155  5.766   1.00 14.73 ? 618  ASP A OD2 1 
ATOM   335 N N   . LEU A 1 42 ? 1.268   7.769   1.893   1.00 11.73 ? 619  LEU A N   1 
ATOM   336 C CA  . LEU A 1 42 ? 0.919   6.652   1.030   1.00 10.98 ? 619  LEU A CA  1 
ATOM   337 C C   . LEU A 1 42 ? 2.153   5.901   0.598   1.00 10.64 ? 619  LEU A C   1 
ATOM   338 O O   . LEU A 1 42 ? 2.178   4.679   0.598   1.00 7.68  ? 619  LEU A O   1 
ATOM   339 C CB  . LEU A 1 42 ? 0.140   7.165   -0.175  1.00 10.83 ? 619  LEU A CB  1 
ATOM   340 C CG  . LEU A 1 42 ? -1.143  7.874   0.283   1.00 12.54 ? 619  LEU A CG  1 
ATOM   341 C CD1 . LEU A 1 42 ? -1.896  8.411   -0.908  1.00 12.74 ? 619  LEU A CD1 1 
ATOM   342 C CD2 . LEU A 1 42 ? -2.020  6.901   1.068   1.00 14.61 ? 619  LEU A CD2 1 
ATOM   343 N N   . LYS A 1 43 ? 3.179   6.646   0.213   1.00 9.95  ? 620  LYS A N   1 
ATOM   344 C CA  . LYS A 1 43 ? 4.425   6.042   -0.192  1.00 11.08 ? 620  LYS A CA  1 
ATOM   345 C C   . LYS A 1 43 ? 4.974   5.247   0.971   1.00 11.37 ? 620  LYS A C   1 
ATOM   346 O O   . LYS A 1 43 ? 5.417   4.111   0.809   1.00 9.83  ? 620  LYS A O   1 
ATOM   347 C CB  . LYS A 1 43 ? 5.431   7.125   -0.572  1.00 12.74 ? 620  LYS A CB  1 
ATOM   348 C CG  . LYS A 1 43 ? 6.848   6.612   -0.816  1.00 16.34 ? 620  LYS A CG  1 
ATOM   349 C CD  . LYS A 1 43 ? 7.769   7.752   -1.229  1.00 20.65 ? 620  LYS A CD  1 
ATOM   350 C CE  . LYS A 1 43 ? 7.790   8.863   -0.182  1.00 25.48 ? 620  LYS A CE  1 
ATOM   351 N NZ  . LYS A 1 43 ? 8.730   9.971   -0.550  1.00 29.79 ? 620  LYS A NZ  1 
ATOM   352 N N   . ASP A 1 44 ? 4.962   5.859   2.148   1.00 11.80 ? 621  ASP A N   1 
ATOM   353 C CA  . ASP A 1 44 ? 5.491   5.203   3.330   1.00 12.80 ? 621  ASP A CA  1 
ATOM   354 C C   . ASP A 1 44 ? 4.687   3.971   3.660   1.00 11.68 ? 621  ASP A C   1 
ATOM   355 O O   . ASP A 1 44 ? 5.250   2.907   3.906   1.00 10.85 ? 621  ASP A O   1 
ATOM   356 C CB  . ASP A 1 44 ? 5.503   6.166   4.515   1.00 13.85 ? 621  ASP A CB  1 
ATOM   357 C CG  . ASP A 1 44 ? 6.482   7.309   4.318   1.00 18.04 ? 621  ASP A CG  1 
ATOM   358 O OD1 . ASP A 1 44 ? 7.304   7.230   3.384   1.00 17.84 ? 621  ASP A OD1 1 
ATOM   359 O OD2 . ASP A 1 44 ? 6.438   8.280   5.100   1.00 20.06 ? 621  ASP A OD2 1 
ATOM   360 N N   . LYS A 1 45 ? 3.368   4.109   3.643   1.00 11.24 ? 622  LYS A N   1 
ATOM   361 C CA  . LYS A 1 45 ? 2.508   2.985   3.952   1.00 10.64 ? 622  LYS A CA  1 
ATOM   362 C C   . LYS A 1 45 ? 2.768   1.862   2.964   1.00 11.40 ? 622  LYS A C   1 
ATOM   363 O O   . LYS A 1 45 ? 2.857   0.701   3.344   1.00 10.26 ? 622  LYS A O   1 
ATOM   364 C CB  . LYS A 1 45 ? 1.046   3.406   3.891   1.00 11.27 ? 622  LYS A CB  1 
ATOM   365 C CG  . LYS A 1 45 ? 0.078   2.288   4.224   1.00 13.21 ? 622  LYS A CG  1 
ATOM   366 C CD  . LYS A 1 45 ? 0.367   1.714   5.614   1.00 13.40 ? 622  LYS A CD  1 
ATOM   367 C CE  . LYS A 1 45 ? -0.617  0.608   5.944   1.00 15.61 ? 622  LYS A CE  1 
ATOM   368 N NZ  . LYS A 1 45 ? -0.443  0.191   7.354   1.00 17.88 ? 622  LYS A NZ  1 
ATOM   369 N N   . TRP A 1 46 ? 2.884   2.205   1.689   1.00 11.66 ? 623  TRP A N   1 
ATOM   370 C CA  . TRP A 1 46 ? 3.143   1.190   0.686   1.00 10.79 ? 623  TRP A CA  1 
ATOM   371 C C   . TRP A 1 46 ? 4.425   0.461   1.027   1.00 12.24 ? 623  TRP A C   1 
ATOM   372 O O   . TRP A 1 46 ? 4.505   -0.757  0.903   1.00 11.52 ? 623  TRP A O   1 
ATOM   373 C CB  . TRP A 1 46 ? 3.283   1.807   -0.691  1.00 12.44 ? 623  TRP A CB  1 
ATOM   374 C CG  . TRP A 1 46 ? 3.756   0.812   -1.677  1.00 11.36 ? 623  TRP A CG  1 
ATOM   375 C CD1 . TRP A 1 46 ? 4.995   0.723   -2.228  1.00 12.96 ? 623  TRP A CD1 1 
ATOM   376 C CD2 . TRP A 1 46 ? 3.010   -0.289  -2.176  1.00 12.64 ? 623  TRP A CD2 1 
ATOM   377 N NE1 . TRP A 1 46 ? 5.071   -0.375  -3.047  1.00 13.58 ? 623  TRP A NE1 1 
ATOM   378 C CE2 . TRP A 1 46 ? 3.861   -1.017  -3.031  1.00 13.61 ? 623  TRP A CE2 1 
ATOM   379 C CE3 . TRP A 1 46 ? 1.697   -0.737  -1.983  1.00 12.06 ? 623  TRP A CE3 1 
ATOM   380 C CZ2 . TRP A 1 46 ? 3.446   -2.168  -3.691  1.00 12.18 ? 623  TRP A CZ2 1 
ATOM   381 C CZ3 . TRP A 1 46 ? 1.284   -1.885  -2.645  1.00 11.34 ? 623  TRP A CZ3 1 
ATOM   382 C CH2 . TRP A 1 46 ? 2.156   -2.585  -3.486  1.00 12.33 ? 623  TRP A CH2 1 
ATOM   383 N N   . LYS A 1 47 ? 5.434   1.222   1.434   1.00 13.17 ? 624  LYS A N   1 
ATOM   384 C CA  . LYS A 1 47 ? 6.718   0.639   1.799   1.00 14.85 ? 624  LYS A CA  1 
ATOM   385 C C   . LYS A 1 47 ? 6.513   -0.360  2.923   1.00 11.63 ? 624  LYS A C   1 
ATOM   386 O O   . LYS A 1 47 ? 7.017   -1.472  2.866   1.00 11.93 ? 624  LYS A O   1 
ATOM   387 C CB  . LYS A 1 47 ? 7.679   1.733   2.261   1.00 14.37 ? 624  LYS A CB  1 
ATOM   388 C CG  . LYS A 1 47 ? 9.016   1.237   2.813   1.00 21.10 ? 624  LYS A CG  1 
ATOM   389 C CD  . LYS A 1 47 ? 9.861   0.583   1.736   1.00 26.08 ? 624  LYS A CD  1 
ATOM   390 C CE  . LYS A 1 47 ? 11.239  0.188   2.258   1.00 27.81 ? 624  LYS A CE  1 
ATOM   391 N NZ  . LYS A 1 47 ? 12.013  -0.517  1.193   1.00 31.46 ? 624  LYS A NZ  1 
ATOM   392 N N   . THR A 1 48 ? 5.762   0.037   3.945   1.00 12.00 ? 625  THR A N   1 
ATOM   393 C CA  . THR A 1 48 ? 5.530   -0.848  5.077   1.00 12.63 ? 625  THR A CA  1 
ATOM   394 C C   . THR A 1 48 ? 4.691   -2.042  4.657   1.00 12.46 ? 625  THR A C   1 
ATOM   395 O O   . THR A 1 48 ? 4.867   -3.136  5.182   1.00 13.19 ? 625  THR A O   1 
ATOM   396 C CB  . THR A 1 48 ? 4.808   -0.132  6.237   1.00 13.77 ? 625  THR A CB  1 
ATOM   397 O OG1 . THR A 1 48 ? 3.493   0.247   5.813   1.00 16.95 ? 625  THR A OG1 1 
ATOM   398 C CG2 . THR A 1 48 ? 5.578   1.104   6.665   1.00 16.43 ? 625  THR A CG2 1 
ATOM   399 N N   . LEU A 1 49 ? 3.770   -1.840  3.718   1.00 11.89 ? 626  LEU A N   1 
ATOM   400 C CA  . LEU A 1 49 ? 2.937   -2.951  3.263   1.00 11.14 ? 626  LEU A CA  1 
ATOM   401 C C   . LEU A 1 49 ? 3.800   -3.978  2.563   1.00 9.94  ? 626  LEU A C   1 
ATOM   402 O O   . LEU A 1 49 ? 3.642   -5.178  2.779   1.00 11.17 ? 626  LEU A O   1 
ATOM   403 C CB  . LEU A 1 49 ? 1.846   -2.468  2.309   1.00 12.51 ? 626  LEU A CB  1 
ATOM   404 C CG  . LEU A 1 49 ? 0.709   -1.707  2.990   1.00 12.18 ? 626  LEU A CG  1 
ATOM   405 C CD1 . LEU A 1 49 ? -0.232  -1.148  1.945   1.00 13.38 ? 626  LEU A CD1 1 
ATOM   406 C CD2 . LEU A 1 49 ? -0.031  -2.646  3.943   1.00 13.24 ? 626  LEU A CD2 1 
ATOM   407 N N   . VAL A 1 50 ? 4.700   -3.502  1.710   1.00 8.63  ? 627  VAL A N   1 
ATOM   408 C CA  . VAL A 1 50 ? 5.598   -4.389  0.987   1.00 10.37 ? 627  VAL A CA  1 
ATOM   409 C C   . VAL A 1 50 ? 6.429   -5.153  2.009   1.00 10.48 ? 627  VAL A C   1 
ATOM   410 O O   . VAL A 1 50 ? 6.616   -6.363  1.888   1.00 12.38 ? 627  VAL A O   1 
ATOM   411 C CB  . VAL A 1 50 ? 6.539   -3.601  0.047   1.00 10.24 ? 627  VAL A CB  1 
ATOM   412 C CG1 . VAL A 1 50 ? 7.623   -4.517  -0.513  1.00 12.34 ? 627  VAL A CG1 1 
ATOM   413 C CG2 . VAL A 1 50 ? 5.741   -3.003  -1.094  1.00 11.90 ? 627  VAL A CG2 1 
ATOM   414 N N   . HIS A 1 51 ? 6.913   -4.451  3.027   1.00 12.27 ? 628  HIS A N   1 
ATOM   415 C CA  . HIS A 1 51 ? 7.710   -5.114  4.048   1.00 11.90 ? 628  HIS A CA  1 
ATOM   416 C C   . HIS A 1 51 ? 6.857   -6.157  4.754   1.00 11.08 ? 628  HIS A C   1 
ATOM   417 O O   . HIS A 1 51 ? 7.245   -7.315  4.869   1.00 8.02  ? 628  HIS A O   1 
ATOM   418 C CB  . HIS A 1 51 ? 8.242   -4.123  5.075   1.00 14.61 ? 628  HIS A CB  1 
ATOM   419 C CG  . HIS A 1 51 ? 9.114   -4.768  6.107   1.00 16.82 ? 628  HIS A CG  1 
ATOM   420 N ND1 . HIS A 1 51 ? 8.771   -4.830  7.440   1.00 20.26 ? 628  HIS A ND1 1 
ATOM   421 C CD2 . HIS A 1 51 ? 10.292  -5.424  5.990   1.00 18.39 ? 628  HIS A CD2 1 
ATOM   422 C CE1 . HIS A 1 51 ? 9.701   -5.498  8.101   1.00 16.16 ? 628  HIS A CE1 1 
ATOM   423 N NE2 . HIS A 1 51 ? 10.634  -5.871  7.244   1.00 20.09 ? 628  HIS A NE2 1 
ATOM   424 N N   . THR A 1 52 ? 5.689   -5.738  5.219   1.00 11.16 ? 629  THR A N   1 
ATOM   425 C CA  . THR A 1 52 ? 4.772   -6.641  5.899   1.00 12.48 ? 629  THR A CA  1 
ATOM   426 C C   . THR A 1 52 ? 4.464   -7.865  5.044   1.00 10.49 ? 629  THR A C   1 
ATOM   427 O O   . THR A 1 52 ? 4.522   -8.995  5.524   1.00 11.38 ? 629  THR A O   1 
ATOM   428 C CB  . THR A 1 52 ? 3.454   -5.926  6.236   1.00 12.79 ? 629  THR A CB  1 
ATOM   429 O OG1 . THR A 1 52 ? 3.721   -4.857  7.148   1.00 13.23 ? 629  THR A OG1 1 
ATOM   430 C CG2 . THR A 1 52 ? 2.460   -6.897  6.877   1.00 13.98 ? 629  THR A CG2 1 
ATOM   431 N N   . ALA A 1 53 ? 4.146   -7.638  3.773   1.00 10.35 ? 630  ALA A N   1 
ATOM   432 C CA  . ALA A 1 53 ? 3.829   -8.731  2.867   1.00 11.08 ? 630  ALA A CA  1 
ATOM   433 C C   . ALA A 1 53 ? 5.040   -9.605  2.598   1.00 11.76 ? 630  ALA A C   1 
ATOM   434 O O   . ALA A 1 53 ? 4.903   -10.794 2.334   1.00 11.87 ? 630  ALA A O   1 
ATOM   435 C CB  . ALA A 1 53 ? 3.294   -8.187  1.551   1.00 11.51 ? 630  ALA A CB  1 
ATOM   436 N N   . SER A 1 54 ? 6.227   -9.017  2.674   1.00 11.02 ? 631  SER A N   1 
ATOM   437 C CA  . SER A 1 54 ? 7.445   -9.764  2.384   1.00 12.57 ? 631  SER A CA  1 
ATOM   438 C C   . SER A 1 54 ? 7.981   -10.580 3.539   1.00 13.52 ? 631  SER A C   1 
ATOM   439 O O   . SER A 1 54 ? 8.671   -11.580 3.337   1.00 15.15 ? 631  SER A O   1 
ATOM   440 C CB  . SER A 1 54 ? 8.524   -8.800  1.900   1.00 14.90 ? 631  SER A CB  1 
ATOM   441 O OG  . SER A 1 54 ? 8.090   -8.163  0.721   1.00 14.99 ? 631  SER A OG  1 
ATOM   442 N N   . ILE A 1 55 ? 7.665   -10.173 4.755   1.00 12.24 ? 632  ILE A N   1 
ATOM   443 C CA  . ILE A 1 55 ? 8.168   -10.907 5.895   1.00 12.53 ? 632  ILE A CA  1 
ATOM   444 C C   . ILE A 1 55 ? 7.208   -11.986 6.314   1.00 11.83 ? 632  ILE A C   1 
ATOM   445 O O   . ILE A 1 55 ? 6.053   -12.010 5.899   1.00 11.23 ? 632  ILE A O   1 
ATOM   446 C CB  . ILE A 1 55 ? 8.441   -9.973  7.077   1.00 12.49 ? 632  ILE A CB  1 
ATOM   447 C CG1 . ILE A 1 55 ? 7.147   -9.279  7.514   1.00 12.32 ? 632  ILE A CG1 1 
ATOM   448 C CG2 . ILE A 1 55 ? 9.494   -8.963  6.675   1.00 14.58 ? 632  ILE A CG2 1 
ATOM   449 C CD1 . ILE A 1 55 ? 7.339   -8.243  8.621   1.00 13.38 ? 632  ILE A CD1 1 
ATOM   450 N N   . ALA A 1 56 ? 7.697   -12.894 7.142   1.00 12.05 ? 633  ALA A N   1 
ATOM   451 C CA  . ALA A 1 56 ? 6.856   -13.978 7.613   1.00 11.76 ? 633  ALA A CA  1 
ATOM   452 C C   . ALA A 1 56 ? 5.805   -13.423 8.550   1.00 10.72 ? 633  ALA A C   1 
ATOM   453 O O   . ALA A 1 56 ? 6.033   -12.421 9.229   1.00 9.44  ? 633  ALA A O   1 
ATOM   454 C CB  . ALA A 1 56 ? 7.686   -15.002 8.337   1.00 11.29 ? 633  ALA A CB  1 
ATOM   455 N N   . PRO A 1 57 ? 4.633   -14.069 8.596   1.00 11.37 ? 634  PRO A N   1 
ATOM   456 C CA  . PRO A 1 57 ? 3.535   -13.650 9.461   1.00 11.72 ? 634  PRO A CA  1 
ATOM   457 C C   . PRO A 1 57 ? 4.010   -13.312 10.872  1.00 11.58 ? 634  PRO A C   1 
ATOM   458 O O   . PRO A 1 57 ? 3.629   -12.284 11.418  1.00 10.32 ? 634  PRO A O   1 
ATOM   459 C CB  . PRO A 1 57 ? 2.615   -14.858 9.431   1.00 12.02 ? 634  PRO A CB  1 
ATOM   460 C CG  . PRO A 1 57 ? 2.716   -15.270 7.992   1.00 11.56 ? 634  PRO A CG  1 
ATOM   461 C CD  . PRO A 1 57 ? 4.220   -15.200 7.744   1.00 10.77 ? 634  PRO A CD  1 
ATOM   462 N N   . GLN A 1 58 ? 4.867   -14.161 11.440  1.00 11.11 ? 635  GLN A N   1 
ATOM   463 C CA  . GLN A 1 58 ? 5.360   -13.947 12.803  1.00 11.24 ? 635  GLN A CA  1 
ATOM   464 C C   . GLN A 1 58 ? 6.114   -12.642 12.980  1.00 12.11 ? 635  GLN A C   1 
ATOM   465 O O   . GLN A 1 58 ? 6.194   -12.114 14.086  1.00 13.66 ? 635  GLN A O   1 
ATOM   466 C CB  . GLN A 1 58 ? 6.276   -15.096 13.229  1.00 11.10 ? 635  GLN A CB  1 
ATOM   467 C CG  . GLN A 1 58 ? 7.582   -15.153 12.458  1.00 15.00 ? 635  GLN A CG  1 
ATOM   468 C CD  . GLN A 1 58 ? 8.262   -16.503 12.581  1.00 18.37 ? 635  GLN A CD  1 
ATOM   469 O OE1 . GLN A 1 58 ? 7.677   -17.537 12.247  1.00 21.46 ? 635  GLN A OE1 1 
ATOM   470 N NE2 . GLN A 1 58 ? 9.492   -16.501 13.056  1.00 18.59 ? 635  GLN A NE2 1 
ATOM   471 N N   . GLN A 1 59 ? 6.682   -12.136 11.895  1.00 12.18 ? 636  GLN A N   1 
ATOM   472 C CA  . GLN A 1 59 ? 7.437   -10.895 11.947  1.00 15.03 ? 636  GLN A CA  1 
ATOM   473 C C   . GLN A 1 59 ? 6.567   -9.664  11.766  1.00 14.07 ? 636  GLN A C   1 
ATOM   474 O O   . GLN A 1 59 ? 7.005   -8.540  12.027  1.00 14.25 ? 636  GLN A O   1 
ATOM   475 C CB  . GLN A 1 59 ? 8.516   -10.893 10.871  1.00 17.41 ? 636  GLN A CB  1 
ATOM   476 C CG  . GLN A 1 59 ? 9.557   -11.974 11.053  1.00 25.47 ? 636  GLN A CG  1 
ATOM   477 C CD  . GLN A 1 59 ? 10.297  -11.829 12.363  1.00 28.84 ? 636  GLN A CD  1 
ATOM   478 O OE1 . GLN A 1 59 ? 10.771  -10.742 12.701  1.00 32.33 ? 636  GLN A OE1 1 
ATOM   479 N NE2 . GLN A 1 59 ? 10.406  -12.923 13.110  1.00 31.85 ? 636  GLN A NE2 1 
ATOM   480 N N   . ARG A 1 60 ? 5.339   -9.869  11.314  1.00 12.25 ? 637  ARG A N   1 
ATOM   481 C CA  . ARG A 1 60 ? 4.449   -8.750  11.077  1.00 12.78 ? 637  ARG A CA  1 
ATOM   482 C C   . ARG A 1 60 ? 3.927   -8.143  12.357  1.00 13.96 ? 637  ARG A C   1 
ATOM   483 O O   . ARG A 1 60 ? 3.699   -8.833  13.344  1.00 12.14 ? 637  ARG A O   1 
ATOM   484 C CB  . ARG A 1 60 ? 3.291   -9.190  10.200  1.00 12.15 ? 637  ARG A CB  1 
ATOM   485 C CG  . ARG A 1 60 ? 3.778   -9.750  8.890   1.00 10.87 ? 637  ARG A CG  1 
ATOM   486 C CD  . ARG A 1 60 ? 2.669   -10.320 8.070   1.00 11.29 ? 637  ARG A CD  1 
ATOM   487 N NE  . ARG A 1 60 ? 3.242   -10.963 6.897   1.00 12.57 ? 637  ARG A NE  1 
ATOM   488 C CZ  . ARG A 1 60 ? 2.604   -11.850 6.154   1.00 12.93 ? 637  ARG A CZ  1 
ATOM   489 N NH1 . ARG A 1 60 ? 1.365   -12.194 6.468   1.00 10.05 ? 637  ARG A NH1 1 
ATOM   490 N NH2 . ARG A 1 60 ? 3.212   -12.395 5.105   1.00 12.05 ? 637  ARG A NH2 1 
ATOM   491 N N   . ARG A 1 61 ? 3.734   -6.837  12.322  1.00 16.67 ? 638  ARG A N   1 
ATOM   492 C CA  . ARG A 1 61 ? 3.229   -6.126  13.476  1.00 18.54 ? 638  ARG A CA  1 
ATOM   493 C C   . ARG A 1 61 ? 2.125   -5.215  12.992  1.00 18.83 ? 638  ARG A C   1 
ATOM   494 O O   . ARG A 1 61 ? 1.935   -5.045  11.789  1.00 16.96 ? 638  ARG A O   1 
ATOM   495 C CB  . ARG A 1 61 ? 4.353   -5.316  14.114  1.00 20.98 ? 638  ARG A CB  1 
ATOM   496 C CG  . ARG A 1 61 ? 5.511   -6.168  14.600  1.00 22.36 ? 638  ARG A CG  1 
ATOM   497 C CD  . ARG A 1 61 ? 5.118   -7.016  15.793  1.00 25.34 ? 638  ARG A CD  1 
ATOM   498 N NE  . ARG A 1 61 ? 6.227   -7.851  16.250  1.00 27.30 ? 638  ARG A NE  1 
ATOM   499 C CZ  . ARG A 1 61 ? 6.462   -9.091  15.828  1.00 26.95 ? 638  ARG A CZ  1 
ATOM   500 N NH1 . ARG A 1 61 ? 5.659   -9.661  14.941  1.00 25.99 ? 638  ARG A NH1 1 
ATOM   501 N NH2 . ARG A 1 61 ? 7.515   -9.755  16.284  1.00 28.22 ? 638  ARG A NH2 1 
ATOM   502 N N   . GLY A 1 62 ? 1.404   -4.625  13.932  1.00 19.04 ? 639  GLY A N   1 
ATOM   503 C CA  . GLY A 1 62 ? 0.317   -3.742  13.567  1.00 19.64 ? 639  GLY A CA  1 
ATOM   504 C C   . GLY A 1 62 ? -0.897  -4.556  13.185  1.00 19.41 ? 639  GLY A C   1 
ATOM   505 O O   . GLY A 1 62 ? -0.902  -5.777  13.327  1.00 17.95 ? 639  GLY A O   1 
ATOM   506 N N   . GLU A 1 63 ? -1.927  -3.882  12.694  1.00 20.49 ? 640  GLU A N   1 
ATOM   507 C CA  . GLU A 1 63 ? -3.152  -4.557  12.298  1.00 21.78 ? 640  GLU A CA  1 
ATOM   508 C C   . GLU A 1 63 ? -2.857  -5.531  11.170  1.00 20.97 ? 640  GLU A C   1 
ATOM   509 O O   . GLU A 1 63 ? -2.153  -5.196  10.217  1.00 19.08 ? 640  GLU A O   1 
ATOM   510 C CB  . GLU A 1 63 ? -4.187  -3.533  11.833  1.00 25.61 ? 640  GLU A CB  1 
ATOM   511 C CG  . GLU A 1 63 ? -5.540  -4.138  11.505  1.00 32.44 ? 640  GLU A CG  1 
ATOM   512 C CD  . GLU A 1 63 ? -6.533  -3.106  11.009  1.00 35.67 ? 640  GLU A CD  1 
ATOM   513 O OE1 . GLU A 1 63 ? -6.770  -2.112  11.733  1.00 38.38 ? 640  GLU A OE1 1 
ATOM   514 O OE2 . GLU A 1 63 ? -7.073  -3.289  9.899   1.00 37.71 ? 640  GLU A OE2 1 
ATOM   515 N N   . PRO A 1 64 ? -3.376  -6.761  11.270  1.00 20.37 ? 641  PRO A N   1 
ATOM   516 C CA  . PRO A 1 64 ? -3.130  -7.738  10.213  1.00 19.46 ? 641  PRO A CA  1 
ATOM   517 C C   . PRO A 1 64 ? -3.744  -7.262  8.906   1.00 18.97 ? 641  PRO A C   1 
ATOM   518 O O   . PRO A 1 64 ? -4.848  -6.718  8.890   1.00 17.40 ? 641  PRO A O   1 
ATOM   519 C CB  . PRO A 1 64 ? -3.825  -8.994  10.733  1.00 21.72 ? 641  PRO A CB  1 
ATOM   520 C CG  . PRO A 1 64 ? -3.770  -8.829  12.216  1.00 22.31 ? 641  PRO A CG  1 
ATOM   521 C CD  . PRO A 1 64 ? -4.110  -7.374  12.388  1.00 21.79 ? 641  PRO A CD  1 
ATOM   522 N N   . VAL A 1 65 ? -3.024  -7.449  7.814   1.00 15.08 ? 642  VAL A N   1 
ATOM   523 C CA  . VAL A 1 65 ? -3.539  -7.067  6.515   1.00 15.85 ? 642  VAL A CA  1 
ATOM   524 C C   . VAL A 1 65 ? -4.073  -8.348  5.890   1.00 14.38 ? 642  VAL A C   1 
ATOM   525 O O   . VAL A 1 65 ? -3.409  -9.381  5.921   1.00 14.86 ? 642  VAL A O   1 
ATOM   526 C CB  . VAL A 1 65 ? -2.433  -6.497  5.605   1.00 16.28 ? 642  VAL A CB  1 
ATOM   527 C CG1 . VAL A 1 65 ? -2.981  -6.268  4.204   1.00 16.99 ? 642  VAL A CG1 1 
ATOM   528 C CG2 . VAL A 1 65 ? -1.908  -5.189  6.179   1.00 16.92 ? 642  VAL A CG2 1 
ATOM   529 N N   . PRO A 1 66 ? -5.291  -8.308  5.337   1.00 15.65 ? 643  PRO A N   1 
ATOM   530 C CA  . PRO A 1 66 ? -5.851  -9.508  4.715   1.00 14.97 ? 643  PRO A CA  1 
ATOM   531 C C   . PRO A 1 66 ? -4.828  -10.100 3.755   1.00 15.46 ? 643  PRO A C   1 
ATOM   532 O O   . PRO A 1 66 ? -4.140  -9.368  3.037   1.00 13.97 ? 643  PRO A O   1 
ATOM   533 C CB  . PRO A 1 66 ? -7.079  -8.974  3.999   1.00 16.56 ? 643  PRO A CB  1 
ATOM   534 C CG  . PRO A 1 66 ? -7.532  -7.883  4.908   1.00 17.06 ? 643  PRO A CG  1 
ATOM   535 C CD  . PRO A 1 66 ? -6.241  -7.182  5.266   1.00 15.48 ? 643  PRO A CD  1 
ATOM   536 N N   . GLN A 1 67 ? -4.727  -11.422 3.741   1.00 15.32 ? 644  GLN A N   1 
ATOM   537 C CA  . GLN A 1 67 ? -3.767  -12.087 2.881   1.00 16.54 ? 644  GLN A CA  1 
ATOM   538 C C   . GLN A 1 67 ? -3.896  -11.709 1.415   1.00 14.98 ? 644  GLN A C   1 
ATOM   539 O O   . GLN A 1 67 ? -2.888  -11.525 0.733   1.00 15.07 ? 644  GLN A O   1 
ATOM   540 C CB  . GLN A 1 67 ? -3.888  -13.601 3.004   1.00 19.84 ? 644  GLN A CB  1 
ATOM   541 C CG  . GLN A 1 67 ? -2.732  -14.320 2.343   1.00 23.53 ? 644  GLN A CG  1 
ATOM   542 C CD  . GLN A 1 67 ? -1.407  -13.886 2.930   1.00 25.89 ? 644  GLN A CD  1 
ATOM   543 O OE1 . GLN A 1 67 ? -1.189  -14.011 4.133   1.00 28.35 ? 644  GLN A OE1 1 
ATOM   544 N NE2 . GLN A 1 67 ? -0.519  -13.362 2.092   1.00 26.24 ? 644  GLN A NE2 1 
ATOM   545 N N   . ASP A 1 68 ? -5.122  -11.593 0.921   1.00 15.33 ? 645  ASP A N   1 
ATOM   546 C CA  . ASP A 1 68 ? -5.301  -11.260 -0.483  1.00 13.87 ? 645  ASP A CA  1 
ATOM   547 C C   . ASP A 1 68 ? -4.691  -9.900  -0.776  1.00 11.95 ? 645  ASP A C   1 
ATOM   548 O O   . ASP A 1 68 ? -4.216  -9.656  -1.880  1.00 12.66 ? 645  ASP A O   1 
ATOM   549 C CB  . ASP A 1 68 ? -6.781  -11.312 -0.881  1.00 16.57 ? 645  ASP A CB  1 
ATOM   550 C CG  . ASP A 1 68 ? -7.627  -10.277 -0.163  1.00 18.05 ? 645  ASP A CG  1 
ATOM   551 O OD1 . ASP A 1 68 ? -7.724  -10.314 1.075   1.00 19.77 ? 645  ASP A OD1 1 
ATOM   552 O OD2 . ASP A 1 68 ? -8.208  -9.424  -0.854  1.00 24.57 ? 645  ASP A OD2 1 
ATOM   553 N N   . LEU A 1 69 ? -4.683  -9.020  0.220   1.00 10.45 ? 646  LEU A N   1 
ATOM   554 C CA  . LEU A 1 69 ? -4.087  -7.706  0.034   1.00 10.20 ? 646  LEU A CA  1 
ATOM   555 C C   . LEU A 1 69 ? -2.573  -7.826  0.069   1.00 11.06 ? 646  LEU A C   1 
ATOM   556 O O   . LEU A 1 69 ? -1.881  -7.201  -0.719  1.00 9.96  ? 646  LEU A O   1 
ATOM   557 C CB  . LEU A 1 69 ? -4.569  -6.734  1.111   1.00 9.60  ? 646  LEU A CB  1 
ATOM   558 C CG  . LEU A 1 69 ? -5.997  -6.248  0.868   1.00 10.10 ? 646  LEU A CG  1 
ATOM   559 C CD1 . LEU A 1 69 ? -6.397  -5.257  1.945   1.00 10.34 ? 646  LEU A CD1 1 
ATOM   560 C CD2 . LEU A 1 69 ? -6.081  -5.600  -0.513  1.00 13.47 ? 646  LEU A CD2 1 
ATOM   561 N N   . LEU A 1 70 ? -2.054  -8.635  0.980   1.00 11.53 ? 647  LEU A N   1 
ATOM   562 C CA  . LEU A 1 70 ? -0.609  -8.815  1.045   1.00 10.81 ? 647  LEU A CA  1 
ATOM   563 C C   . LEU A 1 70 ? -0.164  -9.442  -0.268  1.00 11.68 ? 647  LEU A C   1 
ATOM   564 O O   . LEU A 1 70 ? 0.845   -9.053  -0.847  1.00 11.59 ? 647  LEU A O   1 
ATOM   565 C CB  . LEU A 1 70 ? -0.238  -9.721  2.222   1.00 13.50 ? 647  LEU A CB  1 
ATOM   566 C CG  . LEU A 1 70 ? -0.535  -9.111  3.596   1.00 13.04 ? 647  LEU A CG  1 
ATOM   567 C CD1 . LEU A 1 70 ? -0.187  -10.105 4.691   1.00 14.03 ? 647  LEU A CD1 1 
ATOM   568 C CD2 . LEU A 1 70 ? 0.236   -7.817  3.769   1.00 15.40 ? 647  LEU A CD2 1 
ATOM   569 N N   . ASP A 1 71 ? -0.926  -10.418 -0.746  1.00 11.70 ? 648  ASP A N   1 
ATOM   570 C CA  . ASP A 1 71 ? -0.583  -11.054 -2.004  1.00 12.86 ? 648  ASP A CA  1 
ATOM   571 C C   . ASP A 1 71 ? -0.555  -10.007 -3.105  1.00 10.49 ? 648  ASP A C   1 
ATOM   572 O O   . ASP A 1 71 ? 0.323   -10.013 -3.955  1.00 9.63  ? 648  ASP A O   1 
ATOM   573 C CB  . ASP A 1 71 ? -1.594  -12.130 -2.359  1.00 14.24 ? 648  ASP A CB  1 
ATOM   574 C CG  . ASP A 1 71 ? -1.572  -13.293 -1.388  1.00 17.37 ? 648  ASP A CG  1 
ATOM   575 O OD1 . ASP A 1 71 ? -0.605  -13.409 -0.603  1.00 16.88 ? 648  ASP A OD1 1 
ATOM   576 O OD2 . ASP A 1 71 ? -2.518  -14.097 -1.423  1.00 18.56 ? 648  ASP A OD2 1 
ATOM   577 N N   . ARG A 1 72 ? -1.522  -9.099  -3.089  1.00 10.31 ? 649  ARG A N   1 
ATOM   578 C CA  . ARG A 1 72 ? -1.580  -8.074  -4.119  1.00 9.69  ? 649  ARG A CA  1 
ATOM   579 C C   . ARG A 1 72 ? -0.434  -7.101  -3.962  1.00 9.98  ? 649  ARG A C   1 
ATOM   580 O O   . ARG A 1 72 ? 0.098   -6.601  -4.944  1.00 9.96  ? 649  ARG A O   1 
ATOM   581 C CB  . ARG A 1 72 ? -2.918  -7.346  -4.060  1.00 10.83 ? 649  ARG A CB  1 
ATOM   582 C CG  . ARG A 1 72 ? -4.056  -8.222  -4.583  1.00 10.91 ? 649  ARG A CG  1 
ATOM   583 C CD  . ARG A 1 72 ? -5.392  -7.611  -4.267  1.00 11.27 ? 649  ARG A CD  1 
ATOM   584 N NE  . ARG A 1 72 ? -5.513  -6.271  -4.826  1.00 10.75 ? 649  ARG A NE  1 
ATOM   585 C CZ  . ARG A 1 72 ? -6.554  -5.480  -4.604  1.00 13.39 ? 649  ARG A CZ  1 
ATOM   586 N NH1 . ARG A 1 72 ? -7.556  -5.907  -3.842  1.00 12.51 ? 649  ARG A NH1 1 
ATOM   587 N NH2 . ARG A 1 72 ? -6.588  -4.263  -5.131  1.00 15.71 ? 649  ARG A NH2 1 
ATOM   588 N N   . VAL A 1 73 ? -0.064  -6.824  -2.718  1.00 10.72 ? 650  VAL A N   1 
ATOM   589 C CA  . VAL A 1 73 ? 1.052   -5.926  -2.467  1.00 10.59 ? 650  VAL A CA  1 
ATOM   590 C C   . VAL A 1 73 ? 2.289   -6.533  -3.113  1.00 11.48 ? 650  VAL A C   1 
ATOM   591 O O   . VAL A 1 73 ? 2.993   -5.874  -3.872  1.00 13.65 ? 650  VAL A O   1 
ATOM   592 C CB  . VAL A 1 73 ? 1.307   -5.764  -0.958  1.00 10.47 ? 650  VAL A CB  1 
ATOM   593 C CG1 . VAL A 1 73 ? 2.659   -5.127  -0.726  1.00 7.62  ? 650  VAL A CG1 1 
ATOM   594 C CG2 . VAL A 1 73 ? 0.229   -4.889  -0.347  1.00 6.72  ? 650  VAL A CG2 1 
ATOM   595 N N   . LEU A 1 74 ? 2.562   -7.793  -2.805  1.00 13.18 ? 651  LEU A N   1 
ATOM   596 C CA  . LEU A 1 74 ? 3.730   -8.447  -3.380  1.00 13.64 ? 651  LEU A CA  1 
ATOM   597 C C   . LEU A 1 74 ? 3.663   -8.480  -4.898  1.00 13.65 ? 651  LEU A C   1 
ATOM   598 O O   . LEU A 1 74 ? 4.644   -8.178  -5.565  1.00 14.06 ? 651  LEU A O   1 
ATOM   599 C CB  . LEU A 1 74 ? 3.865   -9.870  -2.849  1.00 15.59 ? 651  LEU A CB  1 
ATOM   600 C CG  . LEU A 1 74 ? 4.296   -9.991  -1.388  1.00 16.51 ? 651  LEU A CG  1 
ATOM   601 C CD1 . LEU A 1 74 ? 4.557   -11.457 -1.064  1.00 18.92 ? 651  LEU A CD1 1 
ATOM   602 C CD2 . LEU A 1 74 ? 5.545   -9.160  -1.153  1.00 17.18 ? 651  LEU A CD2 1 
ATOM   603 N N   . ALA A 1 75 ? 2.509   -8.844  -5.445  1.00 13.20 ? 652  ALA A N   1 
ATOM   604 C CA  . ALA A 1 75 ? 2.359   -8.907  -6.892  1.00 14.04 ? 652  ALA A CA  1 
ATOM   605 C C   . ALA A 1 75 ? 2.598   -7.537  -7.515  1.00 14.32 ? 652  ALA A C   1 
ATOM   606 O O   . ALA A 1 75 ? 3.325   -7.417  -8.501  1.00 15.67 ? 652  ALA A O   1 
ATOM   607 C CB  . ALA A 1 75 ? 0.973   -9.412  -7.260  1.00 13.86 ? 652  ALA A CB  1 
ATOM   608 N N   . ALA A 1 76 ? 1.983   -6.505  -6.944  1.00 14.19 ? 653  ALA A N   1 
ATOM   609 C CA  . ALA A 1 76 ? 2.143   -5.150  -7.465  1.00 11.60 ? 653  ALA A CA  1 
ATOM   610 C C   . ALA A 1 76 ? 3.594   -4.745  -7.323  1.00 12.25 ? 653  ALA A C   1 
ATOM   611 O O   . ALA A 1 76 ? 4.176   -4.160  -8.227  1.00 9.72  ? 653  ALA A O   1 
ATOM   612 C CB  . ALA A 1 76 ? 1.256   -4.178  -6.702  1.00 11.95 ? 653  ALA A CB  1 
ATOM   613 N N   . HIS A 1 77 ? 4.164   -5.044  -6.163  1.00 13.42 ? 654  HIS A N   1 
ATOM   614 C CA  . HIS A 1 77 ? 5.558   -4.738  -5.897  1.00 14.10 ? 654  HIS A CA  1 
ATOM   615 C C   . HIS A 1 77 ? 6.441   -5.429  -6.929  1.00 15.57 ? 654  HIS A C   1 
ATOM   616 O O   . HIS A 1 77 ? 7.346   -4.820  -7.485  1.00 15.27 ? 654  HIS A O   1 
ATOM   617 C CB  . HIS A 1 77 ? 5.944   -5.225  -4.504  1.00 14.65 ? 654  HIS A CB  1 
ATOM   618 C CG  . HIS A 1 77 ? 7.411   -5.132  -4.222  1.00 17.07 ? 654  HIS A CG  1 
ATOM   619 N ND1 . HIS A 1 77 ? 8.083   -3.929  -4.156  1.00 18.26 ? 654  HIS A ND1 1 
ATOM   620 C CD2 . HIS A 1 77 ? 8.341   -6.095  -4.012  1.00 18.24 ? 654  HIS A CD2 1 
ATOM   621 C CE1 . HIS A 1 77 ? 9.363   -4.156  -3.916  1.00 20.29 ? 654  HIS A CE1 1 
ATOM   622 N NE2 . HIS A 1 77 ? 9.545   -5.462  -3.826  1.00 18.11 ? 654  HIS A NE2 1 
ATOM   623 N N   . ALA A 1 78 ? 6.174   -6.706  -7.176  1.00 16.81 ? 655  ALA A N   1 
ATOM   624 C CA  . ALA A 1 78 ? 6.962   -7.469  -8.134  1.00 17.88 ? 655  ALA A CA  1 
ATOM   625 C C   . ALA A 1 78 ? 6.812   -6.879  -9.523  1.00 18.17 ? 655  ALA A C   1 
ATOM   626 O O   . ALA A 1 78 ? 7.790   -6.710  -10.253 1.00 17.81 ? 655  ALA A O   1 
ATOM   627 C CB  . ALA A 1 78 ? 6.517   -8.924  -8.138  1.00 20.28 ? 655  ALA A CB  1 
ATOM   628 N N   . TYR A 1 79 ? 5.577   -6.563  -9.892  1.00 17.33 ? 656  TYR A N   1 
ATOM   629 C CA  . TYR A 1 79 ? 5.328   -6.007  -11.207 1.00 17.10 ? 656  TYR A CA  1 
ATOM   630 C C   . TYR A 1 79 ? 6.034   -4.679  -11.404 1.00 16.68 ? 656  TYR A C   1 
ATOM   631 O O   . TYR A 1 79 ? 6.774   -4.501  -12.370 1.00 17.90 ? 656  TYR A O   1 
ATOM   632 C CB  . TYR A 1 79 ? 3.841   -5.799  -11.439 1.00 16.33 ? 656  TYR A CB  1 
ATOM   633 C CG  . TYR A 1 79 ? 3.602   -5.088  -12.738 1.00 16.01 ? 656  TYR A CG  1 
ATOM   634 C CD1 . TYR A 1 79 ? 3.724   -5.764  -13.949 1.00 16.12 ? 656  TYR A CD1 1 
ATOM   635 C CD2 . TYR A 1 79 ? 3.325   -3.723  -12.764 1.00 15.70 ? 656  TYR A CD2 1 
ATOM   636 C CE1 . TYR A 1 79 ? 3.577   -5.102  -15.149 1.00 16.36 ? 656  TYR A CE1 1 
ATOM   637 C CE2 . TYR A 1 79 ? 3.179   -3.049  -13.963 1.00 16.31 ? 656  TYR A CE2 1 
ATOM   638 C CZ  . TYR A 1 79 ? 3.306   -3.753  -15.153 1.00 15.67 ? 656  TYR A CZ  1 
ATOM   639 O OH  . TYR A 1 79 ? 3.149   -3.105  -16.346 1.00 16.67 ? 656  TYR A OH  1 
ATOM   640 N N   . TRP A 1 80 ? 5.805   -3.744  -10.490 1.00 16.13 ? 657  TRP A N   1 
ATOM   641 C CA  . TRP A 1 80 ? 6.422   -2.439  -10.613 1.00 17.59 ? 657  TRP A CA  1 
ATOM   642 C C   . TRP A 1 80 ? 7.921   -2.479  -10.421 1.00 20.12 ? 657  TRP A C   1 
ATOM   643 O O   . TRP A 1 80 ? 8.634   -1.643  -10.965 1.00 19.65 ? 657  TRP A O   1 
ATOM   644 C CB  . TRP A 1 80 ? 5.761   -1.465  -9.655  1.00 15.71 ? 657  TRP A CB  1 
ATOM   645 C CG  . TRP A 1 80 ? 4.371   -1.210  -10.086 1.00 14.12 ? 657  TRP A CG  1 
ATOM   646 C CD1 . TRP A 1 80 ? 3.228   -1.580  -9.449  1.00 13.37 ? 657  TRP A CD1 1 
ATOM   647 C CD2 . TRP A 1 80 ? 3.969   -0.574  -11.303 1.00 13.43 ? 657  TRP A CD2 1 
ATOM   648 N NE1 . TRP A 1 80 ? 2.135   -1.214  -10.191 1.00 12.84 ? 657  TRP A NE1 1 
ATOM   649 C CE2 . TRP A 1 80 ? 2.562   -0.592  -11.334 1.00 12.76 ? 657  TRP A CE2 1 
ATOM   650 C CE3 . TRP A 1 80 ? 4.665   0.013   -12.368 1.00 14.48 ? 657  TRP A CE3 1 
ATOM   651 C CZ2 . TRP A 1 80 ? 1.830   -0.043  -12.392 1.00 15.43 ? 657  TRP A CZ2 1 
ATOM   652 C CZ3 . TRP A 1 80 ? 3.940   0.561   -13.420 1.00 16.33 ? 657  TRP A CZ3 1 
ATOM   653 C CH2 . TRP A 1 80 ? 2.534   0.528   -13.422 1.00 15.61 ? 657  TRP A CH2 1 
ATOM   654 N N   . SER A 1 81 ? 8.402   -3.452  -9.656  1.00 22.03 ? 658  SER A N   1 
ATOM   655 C CA  . SER A 1 81 ? 9.836   -3.589  -9.452  1.00 27.13 ? 658  SER A CA  1 
ATOM   656 C C   . SER A 1 81 ? 10.437  -4.051  -10.768 1.00 28.64 ? 658  SER A C   1 
ATOM   657 O O   . SER A 1 81 ? 11.473  -3.552  -11.201 1.00 30.43 ? 658  SER A O   1 
ATOM   658 C CB  . SER A 1 81 ? 10.126  -4.620  -8.365  1.00 26.81 ? 658  SER A CB  1 
ATOM   659 O OG  . SER A 1 81 ? 9.755   -4.114  -7.103  1.00 31.14 ? 658  SER A OG  1 
ATOM   660 N N   . GLN A 1 82 ? 9.769   -5.008  -11.399 1.00 31.65 ? 659  GLN A N   1 
ATOM   661 C CA  . GLN A 1 82 ? 10.209  -5.554  -12.672 1.00 34.47 ? 659  GLN A CA  1 
ATOM   662 C C   . GLN A 1 82 ? 10.064  -4.491  -13.754 1.00 35.81 ? 659  GLN A C   1 
ATOM   663 O O   . GLN A 1 82 ? 10.769  -4.509  -14.758 1.00 35.93 ? 659  GLN A O   1 
ATOM   664 C CB  . GLN A 1 82 ? 9.376   -6.792  -13.011 1.00 36.80 ? 659  GLN A CB  1 
ATOM   665 C CG  . GLN A 1 82 ? 9.584   -7.353  -14.406 1.00 40.77 ? 659  GLN A CG  1 
ATOM   666 C CD  . GLN A 1 82 ? 8.662   -6.719  -15.430 1.00 43.06 ? 659  GLN A CD  1 
ATOM   667 O OE1 . GLN A 1 82 ? 7.436   -6.725  -15.267 1.00 45.18 ? 659  GLN A OE1 1 
ATOM   668 N NE2 . GLN A 1 82 ? 9.242   -6.171  -16.496 1.00 44.43 ? 659  GLN A NE2 1 
ATOM   669 N N   . GLN A 1 83 ? 9.149   -3.555  -13.534 1.00 36.56 ? 660  GLN A N   1 
ATOM   670 C CA  . GLN A 1 83 ? 8.924   -2.482  -14.488 1.00 38.31 ? 660  GLN A CA  1 
ATOM   671 C C   . GLN A 1 83 ? 10.037  -1.445  -14.379 1.00 38.90 ? 660  GLN A C   1 
ATOM   672 O O   . GLN A 1 83 ? 10.602  -1.079  -15.432 1.00 39.46 ? 660  GLN A O   1 
ATOM   673 C CB  . GLN A 1 83 ? 7.558   -1.840  -14.240 1.00 39.15 ? 660  GLN A CB  1 
ATOM   674 C CG  . GLN A 1 83 ? 6.675   -1.790  -15.474 1.00 42.14 ? 660  GLN A CG  1 
ATOM   675 C CD  . GLN A 1 83 ? 6.738   -3.071  -16.288 1.00 42.54 ? 660  GLN A CD  1 
ATOM   676 O OE1 . GLN A 1 83 ? 6.448   -4.157  -15.787 1.00 44.03 ? 660  GLN A OE1 1 
ATOM   677 N NE2 . GLN A 1 83 ? 7.120   -2.947  -17.551 1.00 44.17 ? 660  GLN A NE2 1 
ATOM   678 O OXT . GLN A 1 83 ? 10.339  -1.008  -13.246 1.00 39.95 ? 660  GLN A OXT 1 
HETATM 679 O O   . HOH B 2 .  ? -11.968 4.064   3.678   1.00 37.89 ? 2001 HOH A O   1 
HETATM 680 O O   . HOH B 2 .  ? -11.273 3.577   -0.203  1.00 31.70 ? 2002 HOH A O   1 
HETATM 681 O O   . HOH B 2 .  ? -9.763  3.351   -4.188  1.00 24.32 ? 2003 HOH A O   1 
HETATM 682 O O   . HOH B 2 .  ? -0.432  15.014  -3.220  1.00 22.44 ? 2004 HOH A O   1 
HETATM 683 O O   . HOH B 2 .  ? 3.012   13.364  -9.851  1.00 27.13 ? 2005 HOH A O   1 
HETATM 684 O O   . HOH B 2 .  ? -8.864  8.119   -10.308 1.00 44.47 ? 2006 HOH A O   1 
HETATM 685 O O   . HOH B 2 .  ? 1.597   16.692  0.803   1.00 26.25 ? 2007 HOH A O   1 
HETATM 686 O O   . HOH B 2 .  ? 9.375   4.602   0.325   1.00 35.23 ? 2008 HOH A O   1 
HETATM 687 O O   . HOH B 2 .  ? 9.097   -0.712  6.031   1.00 34.86 ? 2009 HOH A O   1 
HETATM 688 O O   . HOH B 2 .  ? -0.024  -10.942 10.892  1.00 39.56 ? 2010 HOH A O   1 
HETATM 689 O O   . HOH B 2 .  ? -7.086  -10.957 -4.842  1.00 24.93 ? 2011 HOH A O   1 
HETATM 690 O O   . HOH B 2 .  ? -0.402  -12.833 -6.240  1.00 39.64 ? 2012 HOH A O   1 
HETATM 691 O O   . HOH B 2 .  ? 6.512   -11.606 -5.342  1.00 37.06 ? 2013 HOH A O   1 
HETATM 692 O O   . HOH B 2 .  ? 0.741   17.245  -3.546  1.00 31.93 ? 2014 HOH A O   1 
HETATM 693 O O   . HOH B 2 .  ? -1.132  10.917  13.520  1.00 39.37 ? 2015 HOH A O   1 
HETATM 694 O O   . HOH B 2 .  ? -11.188 3.802   6.061   1.00 33.69 ? 2016 HOH A O   1 
HETATM 695 O O   . HOH B 2 .  ? -10.649 -1.139  0.092   1.00 52.98 ? 2017 HOH A O   1 
HETATM 696 O O   . HOH B 2 .  ? -10.917 1.039   -0.356  1.00 27.19 ? 2018 HOH A O   1 
HETATM 697 O O   . HOH B 2 .  ? -10.003 4.358   1.762   1.00 25.71 ? 2019 HOH A O   1 
HETATM 698 O O   . HOH B 2 .  ? -8.466  7.738   3.482   1.00 22.08 ? 2020 HOH A O   1 
HETATM 699 O O   . HOH B 2 .  ? -11.598 -2.944  1.176   1.00 29.73 ? 2021 HOH A O   1 
HETATM 700 O O   . HOH B 2 .  ? -9.218  -3.281  -4.837  1.00 20.06 ? 2022 HOH A O   1 
HETATM 701 O O   . HOH B 2 .  ? -7.392  3.069   -5.048  1.00 13.25 ? 2023 HOH A O   1 
HETATM 702 O O   . HOH B 2 .  ? -9.733  -1.343  -9.619  1.00 30.56 ? 2024 HOH A O   1 
HETATM 703 O O   . HOH B 2 .  ? -0.031  -3.270  -12.048 1.00 12.00 ? 2025 HOH A O   1 
HETATM 704 O O   . HOH B 2 .  ? -6.537  -3.530  -9.233  1.00 37.11 ? 2026 HOH A O   1 
HETATM 705 O O   . HOH B 2 .  ? 4.534   4.645   -10.650 1.00 14.33 ? 2027 HOH A O   1 
HETATM 706 O O   . HOH B 2 .  ? 2.076   4.224   -13.861 1.00 23.12 ? 2028 HOH A O   1 
HETATM 707 O O   . HOH B 2 .  ? 6.137   2.408   -10.566 1.00 19.37 ? 2029 HOH A O   1 
HETATM 708 O O   . HOH B 2 .  ? 7.889   3.578   -3.555  1.00 28.29 ? 2030 HOH A O   1 
HETATM 709 O O   . HOH B 2 .  ? 7.526   8.463   -10.891 1.00 16.21 ? 2031 HOH A O   1 
HETATM 710 O O   . HOH B 2 .  ? 5.726   10.084  -6.921  1.00 11.75 ? 2032 HOH A O   1 
HETATM 711 O O   . HOH B 2 .  ? 2.928   5.589   -6.584  1.00 10.45 ? 2033 HOH A O   1 
HETATM 712 O O   . HOH B 2 .  ? 8.548   6.626   -4.634  1.00 21.26 ? 2034 HOH A O   1 
HETATM 713 O O   . HOH B 2 .  ? 3.906   11.862  -7.296  1.00 15.24 ? 2035 HOH A O   1 
HETATM 714 O O   . HOH B 2 .  ? -2.086  14.241  -4.985  1.00 16.76 ? 2036 HOH A O   1 
HETATM 715 O O   . HOH B 2 .  ? -4.680  9.375   -9.968  1.00 23.84 ? 2037 HOH A O   1 
HETATM 716 O O   . HOH B 2 .  ? 2.524   11.091  -9.459  1.00 33.46 ? 2038 HOH A O   1 
HETATM 717 O O   . HOH B 2 .  ? -6.272  3.677   -14.458 1.00 54.34 ? 2039 HOH A O   1 
HETATM 718 O O   . HOH B 2 .  ? -8.433  4.505   -13.715 1.00 44.11 ? 2040 HOH A O   1 
HETATM 719 O O   . HOH B 2 .  ? -5.761  7.322   -11.120 1.00 19.63 ? 2041 HOH A O   1 
HETATM 720 O O   . HOH B 2 .  ? -8.743  2.001   -13.237 1.00 51.73 ? 2042 HOH A O   1 
HETATM 721 O O   . HOH B 2 .  ? -10.211 5.361   -2.090  1.00 23.83 ? 2043 HOH A O   1 
HETATM 722 O O   . HOH B 2 .  ? -9.177  6.680   1.023   1.00 23.75 ? 2044 HOH A O   1 
HETATM 723 O O   . HOH B 2 .  ? -11.954 15.137  4.410   1.00 33.62 ? 2045 HOH A O   1 
HETATM 724 O O   . HOH B 2 .  ? -9.544  14.902  5.029   1.00 26.51 ? 2046 HOH A O   1 
HETATM 725 O O   . HOH B 2 .  ? -5.147  19.445  5.324   1.00 50.22 ? 2047 HOH A O   1 
HETATM 726 O O   . HOH B 2 .  ? -7.230  20.314  5.816   1.00 50.86 ? 2048 HOH A O   1 
HETATM 727 O O   . HOH B 2 .  ? -6.692  15.228  0.719   1.00 21.80 ? 2049 HOH A O   1 
HETATM 728 O O   . HOH B 2 .  ? -2.954  15.722  2.177   1.00 33.95 ? 2050 HOH A O   1 
HETATM 729 O O   . HOH B 2 .  ? -8.524  7.602   7.122   1.00 26.93 ? 2051 HOH A O   1 
HETATM 730 O O   . HOH B 2 .  ? -1.266  9.193   7.246   1.00 20.30 ? 2052 HOH A O   1 
HETATM 731 O O   . HOH B 2 .  ? -0.279  14.716  -0.267  1.00 12.08 ? 2053 HOH A O   1 
HETATM 732 O O   . HOH B 2 .  ? 3.785   8.203   7.092   1.00 32.30 ? 2054 HOH A O   1 
HETATM 733 O O   . HOH B 2 .  ? 2.121   6.155   6.161   1.00 16.86 ? 2055 HOH A O   1 
HETATM 734 O O   . HOH B 2 .  ? 0.237   13.206  7.574   1.00 27.53 ? 2056 HOH A O   1 
HETATM 735 O O   . HOH B 2 .  ? 11.682  11.712  -0.780  1.00 35.26 ? 2057 HOH A O   1 
HETATM 736 O O   . HOH B 2 .  ? 7.159   3.156   -1.135  1.00 26.92 ? 2058 HOH A O   1 
HETATM 737 O O   . HOH B 2 .  ? 7.724   3.295   5.135   1.00 27.74 ? 2059 HOH A O   1 
HETATM 738 O O   . HOH B 2 .  ? 8.365   10.019  5.504   1.00 52.66 ? 2060 HOH A O   1 
HETATM 739 O O   . HOH B 2 .  ? -1.077  2.196   9.166   1.00 29.40 ? 2061 HOH A O   1 
HETATM 740 O O   . HOH B 2 .  ? -2.615  -1.975  7.933   1.00 34.23 ? 2062 HOH A O   1 
HETATM 741 O O   . HOH B 2 .  ? 11.089  -1.969  4.328   1.00 50.78 ? 2063 HOH A O   1 
HETATM 742 O O   . HOH B 2 .  ? 9.266   -2.282  1.813   1.00 25.77 ? 2064 HOH A O   1 
HETATM 743 O O   . HOH B 2 .  ? 7.641   -1.445  8.025   1.00 41.15 ? 2065 HOH A O   1 
HETATM 744 O O   . HOH B 2 .  ? 4.673   -5.701  9.741   1.00 21.40 ? 2066 HOH A O   1 
HETATM 745 O O   . HOH B 2 .  ? 1.579   -3.267  7.250   1.00 35.46 ? 2067 HOH A O   1 
HETATM 746 O O   . HOH B 2 .  ? 5.741   -3.297  8.464   1.00 38.89 ? 2068 HOH A O   1 
HETATM 747 O O   . HOH B 2 .  ? 9.588   -8.629  -1.398  1.00 40.42 ? 2069 HOH A O   1 
HETATM 748 O O   . HOH B 2 .  ? 9.168   -11.883 0.330   1.00 54.83 ? 2070 HOH A O   1 
HETATM 749 O O   . HOH B 2 .  ? 10.279  -12.874 7.866   1.00 29.24 ? 2071 HOH A O   1 
HETATM 750 O O   . HOH B 2 .  ? 2.809   -11.474 13.771  1.00 27.11 ? 2072 HOH A O   1 
HETATM 751 O O   . HOH B 2 .  ? 12.815  -16.431 13.866  1.00 14.38 ? 2073 HOH A O   1 
HETATM 752 O O   . HOH B 2 .  ? -0.398  -11.111 8.304   1.00 17.21 ? 2074 HOH A O   1 
HETATM 753 O O   . HOH B 2 .  ? 8.881   -6.715  17.700  1.00 48.32 ? 2075 HOH A O   1 
HETATM 754 O O   . HOH B 2 .  ? -9.016  -1.730  9.396   1.00 28.25 ? 2076 HOH A O   1 
HETATM 755 O O   . HOH B 2 .  ? -0.602  -3.205  9.514   1.00 45.98 ? 2077 HOH A O   1 
HETATM 756 O O   . HOH B 2 .  ? -1.633  -1.289  11.731  1.00 57.05 ? 2078 HOH A O   1 
HETATM 757 O O   . HOH B 2 .  ? -4.929  -3.495  7.686   1.00 37.05 ? 2079 HOH A O   1 
HETATM 758 O O   . HOH B 2 .  ? -0.486  -8.242  7.946   1.00 14.52 ? 2080 HOH A O   1 
HETATM 759 O O   . HOH B 2 .  ? -2.816  -11.451 7.375   1.00 16.28 ? 2081 HOH A O   1 
HETATM 760 O O   . HOH B 2 .  ? -5.940  -12.998 5.514   1.00 24.15 ? 2082 HOH A O   1 
HETATM 761 O O   . HOH B 2 .  ? -8.237  -8.664  -3.102  1.00 22.21 ? 2083 HOH A O   1 
HETATM 762 O O   . HOH B 2 .  ? -7.339  -12.894 2.462   1.00 29.21 ? 2084 HOH A O   1 
HETATM 763 O O   . HOH B 2 .  ? -4.790  -11.427 -3.867  1.00 20.72 ? 2085 HOH A O   1 
HETATM 764 O O   . HOH B 2 .  ? -4.603  -13.995 -3.091  1.00 23.67 ? 2086 HOH A O   1 
HETATM 765 O O   . HOH B 2 .  ? 2.042   -13.074 -0.508  1.00 28.36 ? 2087 HOH A O   1 
HETATM 766 O O   . HOH B 2 .  ? 1.607   -12.117 -4.657  1.00 16.39 ? 2088 HOH A O   1 
HETATM 767 O O   . HOH B 2 .  ? -2.520  -11.090 -5.821  1.00 28.85 ? 2089 HOH A O   1 
HETATM 768 O O   . HOH B 2 .  ? -1.394  -6.821  -7.000  1.00 11.88 ? 2090 HOH A O   1 
HETATM 769 O O   . HOH B 2 .  ? 6.993   -9.060  -4.679  1.00 23.76 ? 2091 HOH A O   1 
HETATM 770 O O   . HOH B 2 .  ? 3.424   -9.484  -10.123 1.00 20.93 ? 2092 HOH A O   1 
HETATM 771 O O   . HOH B 2 .  ? 7.308   -1.396  -4.365  1.00 25.76 ? 2093 HOH A O   1 
HETATM 772 O O   . HOH B 2 .  ? 11.446  -7.181  -2.881  1.00 42.20 ? 2094 HOH A O   1 
HETATM 773 O O   . HOH B 2 .  ? 3.376   -0.628  -16.843 1.00 28.15 ? 2095 HOH A O   1 
HETATM 774 O O   . HOH B 2 .  ? 2.970   -4.474  -18.412 1.00 32.44 ? 2096 HOH A O   1 
HETATM 775 O O   . HOH B 2 .  ? 10.778  -0.600  -7.524  1.00 42.29 ? 2097 HOH A O   1 
HETATM 776 O O   . HOH B 2 .  ? 5.342   -7.730  -16.597 1.00 39.84 ? 2098 HOH A O   1 
HETATM 777 O O   . HOH B 2 .  ? 13.111  -0.801  -13.563 1.00 40.01 ? 2099 HOH A O   1 
# 
